data_4U02
#
_entry.id   4U02
#
_cell.length_a   53.669
_cell.length_b   130.131
_cell.length_c   74.972
_cell.angle_alpha   90.00
_cell.angle_beta   93.82
_cell.angle_gamma   90.00
#
_symmetry.space_group_name_H-M   'P 1 21 1'
#
loop_
_entity.id
_entity.type
_entity.pdbx_description
1 polymer 'Amino acid ABC transporter, ATP-binding protein'
2 non-polymer 'SULFATE ION'
3 water water
#
_entity_poly.entity_id   1
_entity_poly.type   'polypeptide(L)'
_entity_poly.pdbx_seq_one_letter_code
;MEPIIRIRNLHKWFGPLHVLKGIHLEVAPGEKLVIIGPSGSGKSTLIRTINRLEDFQEGEVVVDGLSVKDDRALREIRRE
VGMVFQQFNLFPHMTVLENVTLAPMRVRRWPREKAEKKALELLERVGILDQARKYPAQLSGGQQQRVAIARALAMEPKIM
LFDEPTSALDPEMVGEVLDVMRDLAQGGMTMVVVTHEMGFAREVADRVVFMDGGQIVEEGRPEEIFTRPKEERTRSFLQR
VLHH
;
_entity_poly.pdbx_strand_id   A,B,C,D
#
loop_
_chem_comp.id
_chem_comp.type
_chem_comp.name
_chem_comp.formula
SO4 non-polymer 'SULFATE ION' 'O4 S -2'
#
# COMPACT_ATOMS: atom_id res chain seq x y z
N MET A 1 -20.67 -10.99 48.31
CA MET A 1 -21.46 -9.81 47.99
C MET A 1 -20.58 -8.57 47.86
N GLU A 2 -20.05 -8.10 48.99
CA GLU A 2 -19.18 -6.93 49.02
C GLU A 2 -17.86 -7.21 48.31
N PRO A 3 -17.25 -6.18 47.71
CA PRO A 3 -15.96 -6.31 47.05
C PRO A 3 -14.87 -6.79 48.02
N ILE A 4 -14.10 -7.79 47.60
CA ILE A 4 -13.05 -8.33 48.44
C ILE A 4 -11.79 -7.46 48.34
N ILE A 5 -11.66 -6.74 47.25
CA ILE A 5 -10.61 -5.74 47.09
C ILE A 5 -11.25 -4.40 46.75
N ARG A 6 -11.09 -3.43 47.64
CA ARG A 6 -11.69 -2.12 47.43
C ARG A 6 -10.63 -1.02 47.38
N ILE A 7 -10.54 -0.35 46.24
CA ILE A 7 -9.53 0.68 46.02
C ILE A 7 -10.18 2.03 45.71
N ARG A 8 -9.85 3.04 46.50
CA ARG A 8 -10.44 4.36 46.34
C ARG A 8 -9.41 5.47 46.25
N ASN A 9 -9.51 6.29 45.21
CA ASN A 9 -8.65 7.46 45.00
C ASN A 9 -7.15 7.16 45.14
N LEU A 10 -6.73 6.05 44.57
CA LEU A 10 -5.34 5.61 44.68
C LEU A 10 -4.39 6.46 43.83
N HIS A 11 -3.59 7.28 44.50
CA HIS A 11 -2.55 8.05 43.82
C HIS A 11 -1.17 7.51 44.18
N LYS A 12 -0.31 7.36 43.18
CA LYS A 12 1.03 6.86 43.43
C LYS A 12 2.07 7.70 42.70
N TRP A 13 3.01 8.26 43.46
CA TRP A 13 4.11 9.03 42.87
C TRP A 13 5.41 8.25 42.93
N PHE A 14 6.13 8.23 41.82
CA PHE A 14 7.46 7.63 41.75
C PHE A 14 8.44 8.71 41.31
N GLY A 15 8.90 9.49 42.28
CA GLY A 15 9.66 10.69 41.98
C GLY A 15 8.67 11.80 41.66
N PRO A 16 8.95 12.58 40.61
CA PRO A 16 8.01 13.61 40.15
C PRO A 16 7.00 13.01 39.18
N LEU A 17 7.04 11.69 39.03
CA LEU A 17 6.21 10.99 38.06
C LEU A 17 4.90 10.51 38.70
N HIS A 18 3.78 10.95 38.14
CA HIS A 18 2.47 10.57 38.66
C HIS A 18 2.05 9.23 38.07
N VAL A 19 2.38 8.15 38.78
CA VAL A 19 2.19 6.78 38.27
C VAL A 19 0.73 6.35 38.25
N LEU A 20 0.06 6.49 39.38
CA LEU A 20 -1.37 6.21 39.47
C LEU A 20 -2.08 7.49 39.86
N LYS A 21 -3.18 7.80 39.19
CA LYS A 21 -3.81 9.11 39.33
C LYS A 21 -5.23 9.05 39.88
N GLY A 22 -5.41 8.39 41.02
CA GLY A 22 -6.71 8.33 41.66
C GLY A 22 -7.55 7.17 41.13
N ILE A 23 -7.05 5.96 41.35
CA ILE A 23 -7.71 4.76 40.87
C ILE A 23 -8.86 4.35 41.78
N HIS A 24 -10.04 4.15 41.19
CA HIS A 24 -11.16 3.55 41.89
C HIS A 24 -11.44 2.19 41.30
N LEU A 25 -11.21 1.13 42.09
CA LEU A 25 -11.38 -0.22 41.62
C LEU A 25 -11.95 -1.11 42.72
N GLU A 26 -12.99 -1.86 42.38
CA GLU A 26 -13.60 -2.79 43.33
C GLU A 26 -13.68 -4.18 42.72
N VAL A 27 -13.04 -5.14 43.38
CA VAL A 27 -13.04 -6.52 42.89
C VAL A 27 -13.95 -7.41 43.71
N ALA A 28 -14.93 -8.01 43.05
CA ALA A 28 -15.89 -8.90 43.71
C ALA A 28 -15.24 -10.24 44.03
N PRO A 29 -15.73 -10.92 45.08
CA PRO A 29 -15.27 -12.27 45.44
C PRO A 29 -15.40 -13.24 44.28
N GLY A 30 -14.31 -13.94 43.98
CA GLY A 30 -14.32 -14.96 42.95
C GLY A 30 -14.30 -14.43 41.52
N GLU A 31 -14.25 -13.11 41.39
CA GLU A 31 -14.22 -12.49 40.07
C GLU A 31 -12.86 -12.69 39.41
N LYS A 32 -12.87 -12.91 38.10
CA LYS A 32 -11.64 -13.01 37.33
C LYS A 32 -11.39 -11.70 36.59
N LEU A 33 -10.56 -10.84 37.18
CA LEU A 33 -10.30 -9.52 36.62
C LEU A 33 -8.98 -9.49 35.87
N VAL A 34 -9.03 -9.05 34.62
CA VAL A 34 -7.82 -8.94 33.80
C VAL A 34 -7.55 -7.49 33.42
N ILE A 35 -6.34 -7.02 33.75
CA ILE A 35 -5.97 -5.64 33.48
C ILE A 35 -4.98 -5.56 32.32
N ILE A 36 -5.31 -4.74 31.33
CA ILE A 36 -4.46 -4.57 30.16
C ILE A 36 -4.18 -3.09 29.89
N GLY A 37 -3.18 -2.82 29.06
CA GLY A 37 -2.82 -1.46 28.71
C GLY A 37 -1.41 -1.35 28.19
N PRO A 38 -1.08 -0.21 27.55
CA PRO A 38 0.27 0.02 27.02
C PRO A 38 1.28 0.09 28.16
N SER A 39 2.56 -0.03 27.83
CA SER A 39 3.60 0.05 28.84
C SER A 39 3.59 1.44 29.49
N GLY A 40 3.77 1.47 30.80
CA GLY A 40 3.77 2.71 31.54
C GLY A 40 2.39 3.19 31.95
N SER A 41 1.40 2.31 31.82
CA SER A 41 0.03 2.66 32.17
C SER A 41 -0.19 2.56 33.68
N GLY A 42 0.75 1.92 34.37
CA GLY A 42 0.71 1.80 35.81
C GLY A 42 -0.03 0.56 36.31
N LYS A 43 -0.36 -0.34 35.39
CA LYS A 43 -1.14 -1.52 35.73
C LYS A 43 -0.39 -2.49 36.64
N SER A 44 0.90 -2.66 36.40
CA SER A 44 1.71 -3.54 37.25
C SER A 44 1.94 -2.89 38.61
N THR A 45 2.01 -1.57 38.64
CA THR A 45 2.13 -0.83 39.89
C THR A 45 0.87 -1.04 40.72
N LEU A 46 -0.27 -0.94 40.07
CA LEU A 46 -1.57 -1.09 40.73
C LEU A 46 -1.74 -2.45 41.39
N ILE A 47 -1.43 -3.52 40.66
CA ILE A 47 -1.59 -4.87 41.19
C ILE A 47 -0.60 -5.15 42.32
N ARG A 48 0.51 -4.42 42.33
CA ARG A 48 1.55 -4.60 43.34
C ARG A 48 1.20 -3.92 44.66
N THR A 49 0.40 -2.86 44.61
CA THR A 49 -0.03 -2.20 45.85
C THR A 49 -1.03 -3.07 46.60
N ILE A 50 -1.65 -3.99 45.89
CA ILE A 50 -2.71 -4.83 46.47
C ILE A 50 -2.19 -5.76 47.56
N ASN A 51 -0.98 -6.30 47.38
CA ASN A 51 -0.35 -7.04 48.46
C ASN A 51 0.94 -6.41 49.00
N ARG A 52 0.94 -5.09 49.09
CA ARG A 52 1.98 -4.35 49.81
C ARG A 52 3.37 -4.46 49.20
N LEU A 53 3.49 -4.15 47.92
CA LEU A 53 4.78 -4.16 47.24
C LEU A 53 5.11 -2.78 46.71
N GLU A 54 4.12 -1.88 46.80
CA GLU A 54 4.32 -0.49 46.42
C GLU A 54 3.67 0.40 47.47
N ASP A 55 4.40 1.39 47.95
CA ASP A 55 3.80 2.39 48.82
C ASP A 55 3.06 3.41 47.97
N PHE A 56 1.94 3.91 48.49
CA PHE A 56 1.18 4.94 47.79
C PHE A 56 0.93 6.13 48.71
N GLN A 57 0.84 7.31 48.12
CA GLN A 57 0.80 8.54 48.90
C GLN A 57 -0.61 9.08 49.14
N GLU A 58 -1.58 8.51 48.45
CA GLU A 58 -2.95 8.99 48.56
C GLU A 58 -3.95 7.90 48.19
N GLY A 59 -5.02 7.81 48.96
CA GLY A 59 -6.08 6.85 48.69
C GLY A 59 -6.15 5.71 49.67
N GLU A 60 -7.05 4.77 49.40
CA GLU A 60 -7.32 3.66 50.29
C GLU A 60 -7.29 2.34 49.52
N VAL A 61 -6.51 1.38 50.01
CA VAL A 61 -6.49 0.04 49.42
C VAL A 61 -6.81 -1.01 50.48
N VAL A 62 -7.97 -1.63 50.35
CA VAL A 62 -8.45 -2.58 51.35
C VAL A 62 -8.63 -3.98 50.76
N VAL A 63 -8.01 -4.97 51.41
CA VAL A 63 -8.10 -6.36 50.96
C VAL A 63 -8.79 -7.23 52.01
N ASP A 64 -9.97 -7.72 51.67
CA ASP A 64 -10.81 -8.50 52.57
C ASP A 64 -10.98 -7.82 53.93
N GLY A 65 -11.21 -6.52 53.90
CA GLY A 65 -11.44 -5.76 55.11
C GLY A 65 -10.18 -5.25 55.78
N LEU A 66 -9.03 -5.69 55.28
CA LEU A 66 -7.75 -5.27 55.86
C LEU A 66 -7.13 -4.12 55.09
N SER A 67 -6.75 -3.07 55.80
CA SER A 67 -6.05 -1.96 55.19
C SER A 67 -4.61 -2.37 54.86
N VAL A 68 -4.25 -2.24 53.59
CA VAL A 68 -2.93 -2.66 53.12
C VAL A 68 -1.81 -1.82 53.75
N LYS A 69 -2.15 -0.60 54.14
CA LYS A 69 -1.17 0.28 54.78
C LYS A 69 -0.92 -0.03 56.25
N ASP A 70 -1.75 -0.87 56.83
CA ASP A 70 -1.61 -1.24 58.24
C ASP A 70 -0.54 -2.32 58.40
N ASP A 71 0.56 -1.99 59.06
CA ASP A 71 1.65 -2.94 59.27
C ASP A 71 1.20 -4.14 60.08
N ARG A 72 0.19 -3.94 60.92
CA ARG A 72 -0.34 -5.02 61.75
C ARG A 72 -1.03 -6.09 60.92
N ALA A 73 -1.56 -5.68 59.76
CA ALA A 73 -2.37 -6.58 58.93
C ALA A 73 -1.57 -7.30 57.85
N LEU A 74 -0.30 -6.93 57.71
CA LEU A 74 0.55 -7.46 56.64
C LEU A 74 0.65 -8.99 56.63
N ARG A 75 0.91 -9.57 57.81
CA ARG A 75 1.04 -11.02 57.93
C ARG A 75 -0.24 -11.73 57.51
N GLU A 76 -1.38 -11.17 57.91
CA GLU A 76 -2.68 -11.73 57.54
C GLU A 76 -2.93 -11.63 56.04
N ILE A 77 -2.54 -10.49 55.46
CA ILE A 77 -2.66 -10.28 54.03
C ILE A 77 -1.84 -11.32 53.26
N ARG A 78 -0.68 -11.66 53.80
CA ARG A 78 0.21 -12.63 53.17
C ARG A 78 -0.33 -14.05 53.23
N ARG A 79 -1.33 -14.27 54.08
CA ARG A 79 -1.99 -15.58 54.17
C ARG A 79 -3.11 -15.67 53.15
N GLU A 80 -3.77 -14.55 52.90
CA GLU A 80 -4.95 -14.52 52.05
C GLU A 80 -4.61 -14.28 50.58
N VAL A 81 -3.46 -13.67 50.33
CA VAL A 81 -3.11 -13.26 48.97
C VAL A 81 -1.84 -13.95 48.49
N GLY A 82 -1.94 -14.57 47.32
CA GLY A 82 -0.78 -15.15 46.66
C GLY A 82 -0.47 -14.35 45.42
N MET A 83 0.79 -14.37 44.99
CA MET A 83 1.19 -13.58 43.84
C MET A 83 2.32 -14.20 43.03
N VAL A 84 2.23 -14.08 41.71
CA VAL A 84 3.31 -14.48 40.83
C VAL A 84 3.75 -13.27 40.01
N PHE A 85 5.00 -13.28 39.58
CA PHE A 85 5.57 -12.12 38.90
C PHE A 85 6.20 -12.53 37.58
N GLN A 86 6.91 -11.59 36.94
CA GLN A 86 7.70 -11.93 35.76
C GLN A 86 8.85 -12.83 36.18
N GLN A 87 9.50 -12.44 37.26
CA GLN A 87 10.60 -13.23 37.83
C GLN A 87 10.05 -14.35 38.71
N PHE A 88 10.72 -15.49 38.71
CA PHE A 88 10.20 -16.70 39.32
C PHE A 88 10.47 -16.74 40.83
N ASN A 89 11.57 -16.11 41.25
CA ASN A 89 11.92 -15.98 42.66
C ASN A 89 12.05 -17.29 43.42
N LEU A 90 12.58 -18.31 42.76
CA LEU A 90 12.75 -19.62 43.40
C LEU A 90 14.02 -19.67 44.23
N PHE A 91 13.97 -20.39 45.34
CA PHE A 91 15.16 -20.64 46.15
C PHE A 91 16.04 -21.65 45.43
N PRO A 92 17.23 -21.21 44.98
CA PRO A 92 18.12 -22.05 44.17
C PRO A 92 18.66 -23.26 44.93
N HIS A 93 18.74 -23.17 46.25
CA HIS A 93 19.30 -24.25 47.06
C HIS A 93 18.24 -25.07 47.77
N MET A 94 16.98 -24.83 47.41
CA MET A 94 15.88 -25.69 47.86
C MET A 94 15.33 -26.44 46.67
N THR A 95 14.85 -27.65 46.90
CA THR A 95 14.22 -28.43 45.85
C THR A 95 12.90 -27.79 45.45
N VAL A 96 12.32 -28.25 44.35
CA VAL A 96 11.01 -27.76 43.91
C VAL A 96 9.96 -28.03 44.99
N LEU A 97 10.06 -29.20 45.61
CA LEU A 97 9.16 -29.57 46.70
C LEU A 97 9.33 -28.63 47.88
N GLU A 98 10.57 -28.43 48.31
CA GLU A 98 10.88 -27.57 49.45
C GLU A 98 10.45 -26.12 49.22
N ASN A 99 10.55 -25.66 47.98
CA ASN A 99 10.11 -24.32 47.63
C ASN A 99 8.61 -24.13 47.84
N VAL A 100 7.86 -25.20 47.64
CA VAL A 100 6.40 -25.15 47.75
C VAL A 100 5.93 -25.41 49.18
N THR A 101 6.62 -26.30 49.88
CA THR A 101 6.21 -26.70 51.23
C THR A 101 6.64 -25.71 52.31
N LEU A 102 7.56 -24.81 51.95
CA LEU A 102 8.19 -23.92 52.93
C LEU A 102 7.19 -23.10 53.75
N ALA A 103 6.49 -22.18 53.10
CA ALA A 103 5.55 -21.30 53.77
C ALA A 103 4.43 -21.99 54.57
N PRO A 104 3.79 -23.03 54.00
CA PRO A 104 2.75 -23.71 54.80
C PRO A 104 3.27 -24.31 56.11
N MET A 105 4.52 -24.77 56.12
CA MET A 105 5.12 -25.30 57.34
C MET A 105 5.52 -24.18 58.28
N ARG A 106 6.02 -23.09 57.70
CA ARG A 106 6.55 -21.98 58.48
C ARG A 106 5.46 -21.04 58.97
N VAL A 107 4.46 -20.80 58.13
CA VAL A 107 3.39 -19.86 58.46
C VAL A 107 2.16 -20.55 59.05
N ARG A 108 1.62 -21.52 58.31
CA ARG A 108 0.42 -22.20 58.76
C ARG A 108 0.74 -23.34 59.71
N ARG A 109 2.03 -23.48 60.04
CA ARG A 109 2.51 -24.44 61.03
C ARG A 109 2.14 -25.88 60.69
N TRP A 110 2.13 -26.20 59.39
CA TRP A 110 1.82 -27.53 58.92
C TRP A 110 2.98 -28.49 59.12
N PRO A 111 2.68 -29.75 59.47
CA PRO A 111 3.73 -30.77 59.51
C PRO A 111 4.22 -31.09 58.11
N ARG A 112 5.43 -31.66 58.02
CA ARG A 112 6.05 -31.94 56.73
C ARG A 112 5.23 -32.88 55.87
N GLU A 113 4.71 -33.95 56.49
CA GLU A 113 3.90 -34.94 55.79
C GLU A 113 2.66 -34.34 55.13
N LYS A 114 2.08 -33.35 55.79
CA LYS A 114 0.86 -32.70 55.30
C LYS A 114 1.16 -31.69 54.19
N ALA A 115 2.23 -30.93 54.38
CA ALA A 115 2.63 -29.91 53.41
C ALA A 115 3.09 -30.54 52.09
N GLU A 116 3.85 -31.61 52.17
CA GLU A 116 4.39 -32.28 50.99
C GLU A 116 3.29 -32.94 50.16
N LYS A 117 2.36 -33.61 50.85
CA LYS A 117 1.23 -34.24 50.19
C LYS A 117 0.42 -33.19 49.43
N LYS A 118 0.26 -32.03 50.06
CA LYS A 118 -0.41 -30.90 49.43
C LYS A 118 0.38 -30.40 48.23
N ALA A 119 1.69 -30.24 48.44
CA ALA A 119 2.59 -29.71 47.41
C ALA A 119 2.63 -30.60 46.18
N LEU A 120 2.74 -31.91 46.40
CA LEU A 120 2.80 -32.87 45.31
C LEU A 120 1.54 -32.84 44.46
N GLU A 121 0.38 -32.72 45.11
CA GLU A 121 -0.89 -32.58 44.41
C GLU A 121 -0.86 -31.38 43.47
N LEU A 122 -0.39 -30.25 43.99
CA LEU A 122 -0.34 -29.02 43.23
C LEU A 122 0.66 -29.10 42.09
N LEU A 123 1.80 -29.76 42.34
CA LEU A 123 2.81 -29.94 41.31
C LEU A 123 2.27 -30.82 40.18
N GLU A 124 1.49 -31.82 40.53
CA GLU A 124 0.82 -32.67 39.54
C GLU A 124 -0.20 -31.87 38.76
N ARG A 125 -1.00 -31.08 39.48
CA ARG A 125 -2.05 -30.27 38.86
C ARG A 125 -1.49 -29.30 37.82
N VAL A 126 -0.30 -28.78 38.08
CA VAL A 126 0.33 -27.86 37.15
C VAL A 126 1.31 -28.55 36.21
N GLY A 127 1.33 -29.87 36.24
CA GLY A 127 2.01 -30.68 35.24
C GLY A 127 3.50 -30.93 35.41
N ILE A 128 4.01 -30.74 36.62
CA ILE A 128 5.45 -30.92 36.85
C ILE A 128 5.76 -31.78 38.07
N LEU A 129 5.01 -32.87 38.23
CA LEU A 129 5.20 -33.78 39.36
C LEU A 129 6.61 -34.38 39.34
N ASP A 130 7.09 -34.70 38.15
CA ASP A 130 8.40 -35.33 37.99
C ASP A 130 9.56 -34.37 38.23
N GLN A 131 9.24 -33.11 38.53
CA GLN A 131 10.27 -32.10 38.77
C GLN A 131 10.46 -31.84 40.25
N ALA A 132 9.69 -32.52 41.08
CA ALA A 132 9.63 -32.27 42.52
C ALA A 132 10.99 -32.42 43.24
N ARG A 133 11.79 -33.38 42.82
CA ARG A 133 13.07 -33.66 43.48
C ARG A 133 14.21 -32.88 42.85
N LYS A 134 13.88 -31.94 41.99
CA LYS A 134 14.89 -31.16 41.28
C LYS A 134 15.10 -29.79 41.89
N TYR A 135 16.21 -29.17 41.53
CA TYR A 135 16.51 -27.81 41.93
C TYR A 135 16.14 -26.88 40.78
N PRO A 136 15.72 -25.64 41.10
CA PRO A 136 15.18 -24.68 40.12
C PRO A 136 16.03 -24.51 38.86
N ALA A 137 17.36 -24.50 39.03
CA ALA A 137 18.26 -24.27 37.90
C ALA A 137 18.19 -25.39 36.86
N GLN A 138 17.62 -26.52 37.24
CA GLN A 138 17.45 -27.64 36.32
C GLN A 138 16.15 -27.49 35.53
N LEU A 139 15.36 -26.48 35.88
CA LEU A 139 14.07 -26.28 35.25
C LEU A 139 14.10 -25.15 34.22
N SER A 140 13.18 -25.21 33.26
CA SER A 140 12.99 -24.14 32.31
C SER A 140 12.12 -23.06 32.94
N GLY A 141 12.05 -21.89 32.30
CA GLY A 141 11.22 -20.80 32.78
C GLY A 141 9.77 -21.22 32.91
N GLY A 142 9.30 -21.99 31.93
CA GLY A 142 7.94 -22.49 31.95
C GLY A 142 7.67 -23.37 33.14
N GLN A 143 8.65 -24.18 33.51
CA GLN A 143 8.52 -25.06 34.67
C GLN A 143 8.62 -24.28 35.98
N GLN A 144 9.57 -23.34 36.02
CA GLN A 144 9.81 -22.55 37.22
C GLN A 144 8.63 -21.67 37.61
N GLN A 145 8.00 -21.05 36.61
CA GLN A 145 6.87 -20.16 36.87
C GLN A 145 5.69 -20.96 37.41
N ARG A 146 5.54 -22.20 36.95
CA ARG A 146 4.49 -23.07 37.45
C ARG A 146 4.80 -23.56 38.87
N VAL A 147 6.08 -23.62 39.21
CA VAL A 147 6.49 -23.90 40.58
C VAL A 147 6.07 -22.72 41.45
N ALA A 148 6.32 -21.52 40.95
CA ALA A 148 5.93 -20.29 41.64
C ALA A 148 4.42 -20.26 41.86
N ILE A 149 3.68 -20.69 40.84
CA ILE A 149 2.23 -20.76 40.92
C ILE A 149 1.77 -21.74 42.00
N ALA A 150 2.34 -22.93 41.98
CA ALA A 150 1.99 -23.96 42.97
C ALA A 150 2.36 -23.53 44.38
N ARG A 151 3.46 -22.81 44.51
CA ARG A 151 3.90 -22.30 45.81
C ARG A 151 2.88 -21.33 46.39
N ALA A 152 2.37 -20.45 45.54
CA ALA A 152 1.36 -19.49 45.95
C ALA A 152 0.06 -20.19 46.34
N LEU A 153 -0.31 -21.22 45.58
CA LEU A 153 -1.54 -21.96 45.81
C LEU A 153 -1.46 -22.82 47.07
N ALA A 154 -0.24 -23.16 47.48
CA ALA A 154 -0.03 -24.04 48.62
C ALA A 154 -0.41 -23.38 49.95
N MET A 155 -0.44 -22.06 49.96
CA MET A 155 -0.88 -21.31 51.14
C MET A 155 -2.39 -21.22 51.19
N GLU A 156 -3.03 -21.76 50.15
CA GLU A 156 -4.48 -21.73 50.00
C GLU A 156 -5.06 -20.33 50.16
N PRO A 157 -4.65 -19.39 49.29
CA PRO A 157 -5.11 -18.02 49.41
C PRO A 157 -6.51 -17.86 48.83
N LYS A 158 -7.20 -16.78 49.19
CA LYS A 158 -8.52 -16.50 48.63
C LYS A 158 -8.36 -15.68 47.36
N ILE A 159 -7.21 -15.03 47.25
CA ILE A 159 -6.93 -14.14 46.13
C ILE A 159 -5.59 -14.49 45.46
N MET A 160 -5.59 -14.56 44.14
CA MET A 160 -4.37 -14.81 43.39
C MET A 160 -4.04 -13.67 42.43
N LEU A 161 -2.88 -13.06 42.63
CA LEU A 161 -2.44 -11.95 41.79
C LEU A 161 -1.41 -12.40 40.76
N PHE A 162 -1.64 -12.05 39.50
CA PHE A 162 -0.74 -12.43 38.42
C PHE A 162 -0.21 -11.20 37.71
N ASP A 163 1.01 -10.78 38.05
CA ASP A 163 1.61 -9.63 37.40
C ASP A 163 2.51 -10.05 36.24
N GLU A 164 1.95 -9.98 35.04
CA GLU A 164 2.63 -10.37 33.79
C GLU A 164 3.53 -11.60 33.90
N PRO A 165 2.97 -12.74 34.36
CA PRO A 165 3.80 -13.91 34.68
C PRO A 165 4.42 -14.59 33.45
N THR A 166 4.03 -14.19 32.25
CA THR A 166 4.58 -14.78 31.03
C THR A 166 5.37 -13.77 30.21
N SER A 167 5.46 -12.54 30.69
CA SER A 167 6.09 -11.45 29.94
C SER A 167 7.60 -11.62 29.76
N ALA A 168 8.23 -12.37 30.66
CA ALA A 168 9.68 -12.59 30.57
C ALA A 168 9.99 -14.02 30.14
N LEU A 169 8.95 -14.75 29.75
CA LEU A 169 9.12 -16.12 29.28
C LEU A 169 9.39 -16.15 27.77
N ASP A 170 10.21 -17.11 27.35
CA ASP A 170 10.40 -17.36 25.93
C ASP A 170 9.11 -17.93 25.36
N PRO A 171 8.83 -17.65 24.08
CA PRO A 171 7.57 -18.02 23.43
C PRO A 171 7.16 -19.49 23.56
N GLU A 172 8.11 -20.40 23.68
CA GLU A 172 7.79 -21.82 23.82
C GLU A 172 7.24 -22.11 25.20
N MET A 173 7.48 -21.21 26.14
CA MET A 173 7.15 -21.44 27.55
C MET A 173 5.84 -20.81 27.97
N VAL A 174 5.31 -19.91 27.13
CA VAL A 174 4.12 -19.14 27.47
C VAL A 174 2.86 -20.00 27.64
N GLY A 175 2.60 -20.85 26.65
CA GLY A 175 1.37 -21.63 26.61
C GLY A 175 1.11 -22.52 27.81
N GLU A 176 2.17 -23.15 28.33
CA GLU A 176 2.03 -24.08 29.44
C GLU A 176 1.65 -23.36 30.73
N VAL A 177 2.08 -22.11 30.86
CA VAL A 177 1.80 -21.32 32.05
C VAL A 177 0.39 -20.73 31.99
N LEU A 178 -0.02 -20.32 30.79
CA LEU A 178 -1.37 -19.79 30.59
C LEU A 178 -2.43 -20.85 30.87
N ASP A 179 -2.14 -22.09 30.49
CA ASP A 179 -3.06 -23.21 30.72
C ASP A 179 -3.38 -23.37 32.20
N VAL A 180 -2.35 -23.30 33.03
CA VAL A 180 -2.51 -23.37 34.48
C VAL A 180 -3.43 -22.26 34.96
N MET A 181 -3.24 -21.07 34.42
CA MET A 181 -4.07 -19.93 34.77
C MET A 181 -5.52 -20.12 34.32
N ARG A 182 -5.70 -20.72 33.15
CA ARG A 182 -7.04 -21.02 32.64
C ARG A 182 -7.75 -22.02 33.55
N ASP A 183 -7.01 -23.04 33.98
CA ASP A 183 -7.49 -24.06 34.89
C ASP A 183 -8.05 -23.44 36.17
N LEU A 184 -7.29 -22.49 36.70
CA LEU A 184 -7.59 -21.80 37.96
C LEU A 184 -8.75 -20.83 37.78
N ALA A 185 -8.92 -20.33 36.57
CA ALA A 185 -9.94 -19.34 36.27
C ALA A 185 -11.35 -19.92 36.22
N GLN A 186 -11.44 -21.25 36.14
CA GLN A 186 -12.71 -21.98 36.16
C GLN A 186 -13.18 -22.19 37.60
N GLY A 187 -12.30 -21.94 38.55
CA GLY A 187 -12.59 -22.15 39.96
C GLY A 187 -13.19 -20.92 40.62
N GLY A 188 -13.22 -20.92 41.95
CA GLY A 188 -13.86 -19.85 42.70
C GLY A 188 -12.89 -18.82 43.27
N MET A 189 -11.61 -18.99 42.96
CA MET A 189 -10.58 -18.06 43.40
C MET A 189 -10.82 -16.67 42.84
N THR A 190 -10.55 -15.64 43.64
CA THR A 190 -10.54 -14.28 43.13
C THR A 190 -9.19 -14.04 42.47
N MET A 191 -9.21 -13.67 41.18
CA MET A 191 -7.98 -13.54 40.42
C MET A 191 -7.83 -12.17 39.77
N VAL A 192 -6.67 -11.55 39.96
CA VAL A 192 -6.31 -10.35 39.22
C VAL A 192 -5.10 -10.65 38.35
N VAL A 193 -5.24 -10.41 37.05
CA VAL A 193 -4.16 -10.72 36.11
C VAL A 193 -3.81 -9.53 35.23
N VAL A 194 -2.54 -9.12 35.29
CA VAL A 194 -2.01 -8.16 34.34
C VAL A 194 -1.30 -8.95 33.25
N THR A 195 -1.61 -8.67 31.99
CA THR A 195 -1.09 -9.49 30.90
C THR A 195 -1.11 -8.83 29.52
N HIS A 196 -0.22 -9.30 28.65
CA HIS A 196 -0.21 -8.89 27.25
C HIS A 196 -1.03 -9.86 26.42
N GLU A 197 -1.30 -11.03 26.99
CA GLU A 197 -1.98 -12.10 26.28
C GLU A 197 -3.49 -11.82 26.13
N MET A 198 -3.88 -11.35 24.96
CA MET A 198 -5.24 -10.91 24.72
C MET A 198 -6.22 -12.05 24.45
N GLY A 199 -5.72 -13.12 23.84
CA GLY A 199 -6.53 -14.30 23.63
C GLY A 199 -6.95 -14.86 24.98
N PHE A 200 -5.98 -14.94 25.89
CA PHE A 200 -6.23 -15.39 27.25
C PHE A 200 -7.18 -14.45 27.95
N ALA A 201 -6.93 -13.15 27.78
CA ALA A 201 -7.72 -12.11 28.43
C ALA A 201 -9.20 -12.16 28.08
N ARG A 202 -9.50 -12.23 26.78
CA ARG A 202 -10.89 -12.27 26.33
C ARG A 202 -11.55 -13.60 26.69
N GLU A 203 -10.75 -14.66 26.74
CA GLU A 203 -11.26 -16.00 27.00
C GLU A 203 -11.63 -16.24 28.46
N VAL A 204 -10.84 -15.72 29.39
CA VAL A 204 -10.98 -16.09 30.80
C VAL A 204 -11.62 -15.02 31.69
N ALA A 205 -11.55 -13.76 31.28
CA ALA A 205 -11.98 -12.66 32.15
C ALA A 205 -13.50 -12.57 32.30
N ASP A 206 -13.93 -12.24 33.52
CA ASP A 206 -15.31 -11.83 33.76
C ASP A 206 -15.39 -10.36 33.44
N ARG A 207 -14.24 -9.69 33.50
CA ARG A 207 -14.17 -8.25 33.38
C ARG A 207 -12.76 -7.80 33.00
N VAL A 208 -12.68 -6.92 32.00
CA VAL A 208 -11.40 -6.41 31.52
C VAL A 208 -11.26 -4.92 31.83
N VAL A 209 -10.15 -4.56 32.43
CA VAL A 209 -9.88 -3.15 32.74
C VAL A 209 -8.73 -2.60 31.90
N PHE A 210 -9.04 -1.61 31.07
CA PHE A 210 -8.03 -0.98 30.23
C PHE A 210 -7.44 0.26 30.90
N MET A 211 -6.14 0.21 31.16
CA MET A 211 -5.45 1.33 31.79
C MET A 211 -4.55 2.06 30.80
N ASP A 212 -4.41 3.36 31.01
CA ASP A 212 -3.53 4.19 30.19
C ASP A 212 -3.20 5.47 30.95
N GLY A 213 -1.91 5.79 31.02
CA GLY A 213 -1.48 7.03 31.66
C GLY A 213 -1.83 7.15 33.12
N GLY A 214 -1.87 6.02 33.82
CA GLY A 214 -2.13 6.00 35.24
C GLY A 214 -3.59 6.14 35.62
N GLN A 215 -4.46 5.85 34.67
CA GLN A 215 -5.90 5.92 34.90
C GLN A 215 -6.59 4.72 34.27
N ILE A 216 -7.73 4.35 34.85
CA ILE A 216 -8.62 3.41 34.17
C ILE A 216 -9.39 4.21 33.13
N VAL A 217 -9.26 3.82 31.87
CA VAL A 217 -9.86 4.56 30.78
C VAL A 217 -11.18 3.93 30.35
N GLU A 218 -11.23 2.61 30.43
CA GLU A 218 -12.43 1.87 30.03
C GLU A 218 -12.44 0.48 30.66
N GLU A 219 -13.63 -0.02 30.97
CA GLU A 219 -13.80 -1.38 31.44
C GLU A 219 -15.08 -2.00 30.87
N GLY A 220 -15.22 -3.31 31.03
CA GLY A 220 -16.41 -4.01 30.55
C GLY A 220 -16.19 -5.50 30.38
N ARG A 221 -17.23 -6.21 29.97
CA ARG A 221 -17.12 -7.63 29.65
C ARG A 221 -16.11 -7.79 28.52
N PRO A 222 -15.42 -8.95 28.49
CA PRO A 222 -14.44 -9.21 27.43
C PRO A 222 -14.99 -9.05 26.01
N GLU A 223 -16.29 -9.32 25.83
CA GLU A 223 -16.92 -9.19 24.52
C GLU A 223 -17.14 -7.72 24.16
N GLU A 224 -17.59 -6.94 25.14
CA GLU A 224 -17.86 -5.52 24.93
C GLU A 224 -16.57 -4.76 24.64
N ILE A 225 -15.54 -5.05 25.44
CA ILE A 225 -14.28 -4.32 25.35
C ILE A 225 -13.47 -4.63 24.09
N PHE A 226 -13.50 -5.88 23.64
CA PHE A 226 -12.68 -6.29 22.50
C PHE A 226 -13.35 -6.08 21.15
N THR A 227 -14.68 -6.04 21.13
CA THR A 227 -15.40 -5.94 19.86
C THR A 227 -15.96 -4.55 19.59
N ARG A 228 -16.47 -3.91 20.63
CA ARG A 228 -16.99 -2.55 20.48
C ARG A 228 -16.40 -1.63 21.55
N PRO A 229 -15.09 -1.32 21.44
CA PRO A 229 -14.47 -0.41 22.40
C PRO A 229 -15.02 1.01 22.23
N LYS A 230 -15.19 1.72 23.33
CA LYS A 230 -15.86 3.02 23.32
C LYS A 230 -14.86 4.17 23.24
N GLU A 231 -13.87 4.15 24.12
CA GLU A 231 -12.86 5.20 24.17
C GLU A 231 -11.86 5.04 23.02
N GLU A 232 -11.37 6.16 22.51
CA GLU A 232 -10.47 6.14 21.37
C GLU A 232 -9.12 5.53 21.73
N ARG A 233 -8.72 5.69 22.99
CA ARG A 233 -7.47 5.13 23.47
C ARG A 233 -7.55 3.61 23.53
N THR A 234 -8.71 3.11 23.93
CA THR A 234 -8.95 1.68 24.01
C THR A 234 -8.88 1.07 22.62
N ARG A 235 -9.58 1.70 21.69
CA ARG A 235 -9.66 1.23 20.31
C ARG A 235 -8.29 1.20 19.63
N SER A 236 -7.54 2.29 19.79
CA SER A 236 -6.22 2.39 19.19
C SER A 236 -5.27 1.33 19.73
N PHE A 237 -5.25 1.17 21.06
CA PHE A 237 -4.40 0.18 21.71
C PHE A 237 -4.67 -1.24 21.22
N LEU A 238 -5.95 -1.62 21.19
CA LEU A 238 -6.34 -2.96 20.79
C LEU A 238 -5.95 -3.25 19.35
N GLN A 239 -6.23 -2.30 18.46
CA GLN A 239 -5.96 -2.44 17.03
C GLN A 239 -4.51 -2.80 16.73
N ARG A 240 -3.58 -2.26 17.51
CA ARG A 240 -2.17 -2.53 17.30
C ARG A 240 -1.76 -3.82 17.98
N VAL A 241 -2.36 -4.09 19.13
CA VAL A 241 -2.02 -5.25 19.95
C VAL A 241 -2.59 -6.55 19.37
N LEU A 242 -3.75 -6.46 18.73
CA LEU A 242 -4.41 -7.62 18.14
C LEU A 242 -3.88 -7.93 16.74
N HIS A 243 -2.76 -7.34 16.38
CA HIS A 243 -2.17 -7.52 15.06
C HIS A 243 -1.81 -8.98 14.79
N MET B 1 21.47 -18.06 -10.00
CA MET B 1 21.47 -19.47 -9.63
C MET B 1 22.40 -19.70 -8.43
N GLU B 2 23.45 -18.89 -8.33
CA GLU B 2 24.43 -18.98 -7.25
C GLU B 2 23.92 -18.37 -5.96
N PRO B 3 24.13 -19.06 -4.83
CA PRO B 3 23.71 -18.52 -3.53
C PRO B 3 24.48 -17.27 -3.16
N ILE B 4 23.76 -16.23 -2.76
CA ILE B 4 24.40 -14.96 -2.42
C ILE B 4 25.02 -15.05 -1.02
N ILE B 5 24.50 -15.96 -0.20
CA ILE B 5 25.09 -16.25 1.10
C ILE B 5 25.38 -17.74 1.20
N ARG B 6 26.66 -18.09 1.32
CA ARG B 6 27.03 -19.49 1.45
C ARG B 6 27.78 -19.74 2.75
N ILE B 7 27.22 -20.60 3.59
CA ILE B 7 27.82 -20.93 4.88
C ILE B 7 28.13 -22.42 4.94
N ARG B 8 29.37 -22.77 5.26
CA ARG B 8 29.80 -24.16 5.30
C ARG B 8 30.53 -24.53 6.59
N ASN B 9 30.08 -25.60 7.24
CA ASN B 9 30.67 -26.13 8.45
C ASN B 9 30.98 -25.09 9.53
N LEU B 10 30.02 -24.20 9.76
CA LEU B 10 30.21 -23.12 10.72
C LEU B 10 30.10 -23.60 12.17
N HIS B 11 31.21 -23.55 12.90
CA HIS B 11 31.20 -23.87 14.32
C HIS B 11 31.50 -22.63 15.14
N LYS B 12 30.74 -22.41 16.21
CA LYS B 12 31.01 -21.31 17.11
C LYS B 12 30.93 -21.72 18.58
N TRP B 13 31.94 -21.34 19.35
CA TRP B 13 31.96 -21.60 20.77
C TRP B 13 31.96 -20.29 21.56
N PHE B 14 31.24 -20.30 22.67
CA PHE B 14 31.25 -19.17 23.60
C PHE B 14 31.61 -19.71 24.98
N GLY B 15 32.89 -19.69 25.29
CA GLY B 15 33.37 -20.43 26.44
C GLY B 15 33.33 -21.90 26.07
N PRO B 16 32.82 -22.75 26.97
CA PRO B 16 32.66 -24.17 26.65
C PRO B 16 31.37 -24.41 25.87
N LEU B 17 30.58 -23.35 25.68
CA LEU B 17 29.26 -23.46 25.06
C LEU B 17 29.36 -23.59 23.54
N HIS B 18 29.01 -24.77 23.02
CA HIS B 18 28.98 -24.99 21.58
C HIS B 18 27.68 -24.43 21.02
N VAL B 19 27.74 -23.19 20.54
CA VAL B 19 26.55 -22.45 20.14
C VAL B 19 26.05 -22.84 18.74
N LEU B 20 26.97 -22.95 17.80
CA LEU B 20 26.63 -23.44 16.46
C LEU B 20 27.51 -24.64 16.14
N LYS B 21 26.89 -25.72 15.66
CA LYS B 21 27.59 -26.99 15.52
C LYS B 21 27.74 -27.46 14.08
N GLY B 22 28.47 -26.68 13.29
CA GLY B 22 28.78 -27.06 11.92
C GLY B 22 27.58 -27.03 11.00
N ILE B 23 27.06 -25.83 10.76
CA ILE B 23 25.89 -25.69 9.92
C ILE B 23 26.26 -25.35 8.49
N HIS B 24 25.45 -25.81 7.56
CA HIS B 24 25.57 -25.46 6.16
C HIS B 24 24.32 -24.73 5.71
N LEU B 25 24.48 -23.50 5.24
CA LEU B 25 23.35 -22.66 4.88
C LEU B 25 23.63 -21.88 3.61
N GLU B 26 22.79 -22.09 2.59
CA GLU B 26 22.92 -21.35 1.35
C GLU B 26 21.66 -20.52 1.08
N VAL B 27 21.85 -19.22 0.93
CA VAL B 27 20.73 -18.30 0.71
C VAL B 27 20.73 -17.79 -0.72
N ALA B 28 19.63 -18.02 -1.42
CA ALA B 28 19.49 -17.59 -2.81
C ALA B 28 19.35 -16.07 -2.89
N PRO B 29 19.78 -15.48 -4.01
CA PRO B 29 19.61 -14.04 -4.23
C PRO B 29 18.14 -13.66 -4.28
N GLY B 30 17.76 -12.62 -3.55
CA GLY B 30 16.39 -12.15 -3.53
C GLY B 30 15.48 -12.99 -2.65
N GLU B 31 16.03 -14.06 -2.08
CA GLU B 31 15.24 -14.96 -1.24
C GLU B 31 14.90 -14.32 0.09
N LYS B 32 13.69 -14.60 0.59
CA LYS B 32 13.29 -14.20 1.92
C LYS B 32 13.39 -15.39 2.86
N LEU B 33 14.47 -15.44 3.63
CA LEU B 33 14.72 -16.56 4.52
C LEU B 33 14.40 -16.22 5.96
N VAL B 34 13.42 -16.92 6.53
CA VAL B 34 13.06 -16.71 7.92
C VAL B 34 13.51 -17.89 8.78
N ILE B 35 14.25 -17.56 9.85
CA ILE B 35 14.74 -18.59 10.77
C ILE B 35 13.99 -18.51 12.09
N ILE B 36 13.50 -19.65 12.56
CA ILE B 36 12.77 -19.70 13.82
C ILE B 36 13.34 -20.79 14.73
N GLY B 37 12.98 -20.74 16.01
CA GLY B 37 13.45 -21.73 16.96
C GLY B 37 13.43 -21.24 18.39
N PRO B 38 13.55 -22.18 19.34
CA PRO B 38 13.54 -21.86 20.77
C PRO B 38 14.74 -21.02 21.17
N SER B 39 14.69 -20.44 22.36
CA SER B 39 15.81 -19.65 22.86
C SER B 39 17.01 -20.55 23.08
N GLY B 40 18.17 -20.13 22.57
CA GLY B 40 19.39 -20.90 22.71
C GLY B 40 19.62 -21.89 21.58
N SER B 41 18.94 -21.69 20.46
CA SER B 41 19.12 -22.55 19.30
C SER B 41 20.28 -22.08 18.46
N GLY B 42 20.66 -20.80 18.65
CA GLY B 42 21.80 -20.23 17.95
C GLY B 42 21.43 -19.45 16.70
N LYS B 43 20.13 -19.25 16.49
CA LYS B 43 19.65 -18.57 15.28
C LYS B 43 20.12 -17.12 15.21
N SER B 44 20.15 -16.43 16.35
CA SER B 44 20.60 -15.05 16.40
C SER B 44 22.12 -14.96 16.22
N THR B 45 22.82 -15.95 16.74
CA THR B 45 24.27 -16.00 16.58
C THR B 45 24.63 -16.23 15.12
N LEU B 46 23.89 -17.13 14.48
CA LEU B 46 24.12 -17.48 13.08
C LEU B 46 23.94 -16.30 12.13
N ILE B 47 22.85 -15.56 12.30
CA ILE B 47 22.56 -14.42 11.42
C ILE B 47 23.60 -13.31 11.59
N ARG B 48 24.25 -13.27 12.75
CA ARG B 48 25.22 -12.22 13.03
C ARG B 48 26.63 -12.54 12.53
N THR B 49 26.83 -13.78 12.08
CA THR B 49 28.12 -14.18 11.50
C THR B 49 28.22 -13.67 10.07
N ILE B 50 27.06 -13.37 9.47
CA ILE B 50 26.97 -13.02 8.06
C ILE B 50 27.64 -11.68 7.73
N ASN B 51 27.58 -10.73 8.66
CA ASN B 51 28.41 -9.53 8.55
C ASN B 51 29.47 -9.50 9.64
N ARG B 52 29.83 -10.70 10.10
CA ARG B 52 30.86 -10.89 11.13
C ARG B 52 30.65 -10.02 12.38
N LEU B 53 29.39 -9.72 12.70
CA LEU B 53 29.09 -9.03 13.93
C LEU B 53 29.38 -9.99 15.07
N GLU B 54 29.14 -11.27 14.81
CA GLU B 54 29.59 -12.33 15.67
C GLU B 54 30.72 -13.08 14.99
N ASP B 55 31.76 -13.40 15.75
CA ASP B 55 32.88 -14.15 15.20
C ASP B 55 32.64 -15.63 15.40
N PHE B 56 33.45 -16.45 14.74
CA PHE B 56 33.37 -17.90 14.88
C PHE B 56 34.74 -18.51 14.70
N GLN B 57 34.96 -19.67 15.31
CA GLN B 57 36.26 -20.32 15.28
C GLN B 57 36.50 -21.07 13.96
N GLU B 58 35.49 -21.80 13.52
CA GLU B 58 35.66 -22.66 12.36
C GLU B 58 34.55 -22.49 11.33
N GLY B 59 34.85 -22.84 10.08
CA GLY B 59 33.88 -22.76 9.01
C GLY B 59 34.09 -21.59 8.09
N GLU B 60 33.16 -21.44 7.14
CA GLU B 60 33.28 -20.40 6.12
C GLU B 60 31.96 -19.70 5.89
N VAL B 61 31.98 -18.37 5.88
CA VAL B 61 30.81 -17.59 5.51
C VAL B 61 31.17 -16.67 4.34
N VAL B 62 30.60 -16.96 3.18
CA VAL B 62 30.91 -16.19 1.99
C VAL B 62 29.71 -15.35 1.55
N VAL B 63 29.90 -14.04 1.50
CA VAL B 63 28.83 -13.12 1.10
C VAL B 63 29.12 -12.48 -0.25
N ASP B 64 28.28 -12.82 -1.24
CA ASP B 64 28.42 -12.32 -2.60
C ASP B 64 29.82 -12.53 -3.14
N GLY B 65 30.40 -13.69 -2.85
CA GLY B 65 31.71 -14.05 -3.34
C GLY B 65 32.84 -13.70 -2.39
N LEU B 66 32.53 -12.94 -1.35
CA LEU B 66 33.54 -12.44 -0.43
C LEU B 66 33.48 -13.13 0.94
N SER B 67 34.64 -13.42 1.50
CA SER B 67 34.71 -14.05 2.81
C SER B 67 34.67 -12.99 3.92
N VAL B 68 33.85 -13.25 4.94
CA VAL B 68 33.72 -12.32 6.06
C VAL B 68 34.97 -12.31 6.94
N LYS B 69 35.79 -13.36 6.81
CA LYS B 69 37.02 -13.44 7.59
C LYS B 69 38.19 -12.74 6.90
N ASP B 70 37.96 -12.31 5.67
CA ASP B 70 38.89 -11.40 5.03
C ASP B 70 38.51 -9.98 5.47
N ASP B 71 39.38 -9.36 6.26
CA ASP B 71 39.08 -8.07 6.88
C ASP B 71 38.89 -6.95 5.86
N ARG B 72 39.62 -7.05 4.75
CA ARG B 72 39.48 -6.09 3.66
C ARG B 72 38.11 -6.24 2.99
N ALA B 73 37.76 -7.47 2.67
CA ALA B 73 36.49 -7.78 2.01
C ALA B 73 35.30 -7.42 2.91
N LEU B 74 35.49 -7.53 4.22
CA LEU B 74 34.41 -7.26 5.16
C LEU B 74 33.89 -5.84 5.03
N ARG B 75 34.80 -4.89 4.85
CA ARG B 75 34.42 -3.49 4.64
C ARG B 75 33.50 -3.35 3.44
N GLU B 76 33.78 -4.12 2.40
CA GLU B 76 32.97 -4.13 1.19
C GLU B 76 31.65 -4.87 1.45
N ILE B 77 31.69 -5.84 2.37
CA ILE B 77 30.50 -6.59 2.74
C ILE B 77 29.52 -5.75 3.54
N ARG B 78 30.06 -4.95 4.46
CA ARG B 78 29.23 -4.06 5.29
C ARG B 78 28.49 -3.04 4.41
N ARG B 79 29.01 -2.80 3.21
CA ARG B 79 28.33 -1.94 2.24
C ARG B 79 27.06 -2.61 1.72
N GLU B 80 27.18 -3.88 1.36
CA GLU B 80 26.09 -4.62 0.75
C GLU B 80 25.07 -5.09 1.77
N VAL B 81 25.50 -5.21 3.02
CA VAL B 81 24.68 -5.84 4.05
C VAL B 81 24.18 -4.87 5.11
N GLY B 82 22.86 -4.71 5.19
CA GLY B 82 22.25 -3.91 6.23
C GLY B 82 21.72 -4.80 7.33
N MET B 83 21.59 -4.26 8.54
CA MET B 83 21.14 -5.07 9.67
C MET B 83 20.41 -4.28 10.75
N VAL B 84 19.41 -4.93 11.34
CA VAL B 84 18.62 -4.36 12.42
C VAL B 84 18.43 -5.42 13.52
N PHE B 85 18.56 -5.01 14.78
CA PHE B 85 18.47 -5.94 15.90
C PHE B 85 17.36 -5.56 16.89
N GLN B 86 17.45 -6.12 18.09
CA GLN B 86 16.54 -5.79 19.18
C GLN B 86 16.73 -4.34 19.61
N GLN B 87 17.99 -3.93 19.72
CA GLN B 87 18.32 -2.56 20.07
C GLN B 87 18.28 -1.66 18.84
N PHE B 88 17.92 -0.40 19.05
CA PHE B 88 17.72 0.54 17.96
C PHE B 88 19.04 1.23 17.60
N ASN B 89 19.86 1.48 18.61
CA ASN B 89 21.20 2.06 18.43
C ASN B 89 21.23 3.36 17.64
N LEU B 90 20.30 4.26 17.96
CA LEU B 90 20.26 5.55 17.30
C LEU B 90 21.28 6.49 17.91
N PHE B 91 21.74 7.47 17.14
CA PHE B 91 22.65 8.47 17.65
C PHE B 91 21.82 9.60 18.29
N PRO B 92 21.80 9.64 19.63
CA PRO B 92 20.89 10.51 20.37
C PRO B 92 21.13 12.00 20.13
N HIS B 93 22.36 12.37 19.76
CA HIS B 93 22.70 13.77 19.57
C HIS B 93 22.30 14.28 18.17
N MET B 94 21.90 13.37 17.29
CA MET B 94 21.51 13.75 15.94
C MET B 94 20.00 13.61 15.75
N THR B 95 19.46 14.39 14.81
CA THR B 95 18.05 14.30 14.48
C THR B 95 17.76 12.99 13.76
N VAL B 96 16.49 12.66 13.61
CA VAL B 96 16.08 11.45 12.90
C VAL B 96 16.62 11.44 11.48
N LEU B 97 16.52 12.59 10.82
CA LEU B 97 17.02 12.72 9.45
C LEU B 97 18.54 12.50 9.40
N GLU B 98 19.25 13.14 10.32
CA GLU B 98 20.71 13.03 10.39
C GLU B 98 21.16 11.60 10.67
N ASN B 99 20.35 10.85 11.41
CA ASN B 99 20.61 9.45 11.66
C ASN B 99 20.62 8.64 10.38
N VAL B 100 19.78 9.04 9.43
CA VAL B 100 19.63 8.30 8.18
C VAL B 100 20.63 8.76 7.11
N THR B 101 21.04 10.02 7.18
CA THR B 101 21.90 10.60 6.14
C THR B 101 23.40 10.40 6.37
N LEU B 102 23.76 9.92 7.55
CA LEU B 102 25.19 9.80 7.91
C LEU B 102 25.97 8.88 6.99
N ALA B 103 25.58 7.61 6.95
CA ALA B 103 26.28 6.61 6.14
C ALA B 103 26.31 6.88 4.62
N PRO B 104 25.18 7.33 4.04
CA PRO B 104 25.25 7.70 2.62
C PRO B 104 26.29 8.79 2.34
N MET B 105 26.34 9.80 3.20
CA MET B 105 27.32 10.87 3.03
C MET B 105 28.73 10.40 3.34
N ARG B 106 28.87 9.62 4.42
CA ARG B 106 30.19 9.18 4.88
C ARG B 106 30.79 8.07 4.03
N VAL B 107 29.97 7.10 3.64
CA VAL B 107 30.46 5.91 2.94
C VAL B 107 30.29 6.01 1.42
N ARG B 108 29.11 6.47 1.00
CA ARG B 108 28.80 6.55 -0.42
C ARG B 108 29.15 7.90 -1.00
N ARG B 109 29.63 8.80 -0.13
CA ARG B 109 30.13 10.12 -0.52
C ARG B 109 29.10 10.97 -1.26
N TRP B 110 27.83 10.82 -0.89
CA TRP B 110 26.76 11.62 -1.46
C TRP B 110 26.82 13.05 -0.94
N PRO B 111 26.47 14.03 -1.79
CA PRO B 111 26.29 15.39 -1.28
C PRO B 111 25.06 15.43 -0.39
N ARG B 112 25.05 16.33 0.59
CA ARG B 112 24.01 16.37 1.62
C ARG B 112 22.59 16.44 1.06
N GLU B 113 22.40 17.26 0.02
CA GLU B 113 21.09 17.46 -0.59
C GLU B 113 20.53 16.14 -1.16
N LYS B 114 21.42 15.33 -1.72
CA LYS B 114 21.05 14.05 -2.29
C LYS B 114 20.67 13.05 -1.21
N ALA B 115 21.46 13.01 -0.14
CA ALA B 115 21.25 12.06 0.96
C ALA B 115 19.96 12.35 1.73
N GLU B 116 19.67 13.64 1.91
CA GLU B 116 18.48 14.03 2.68
C GLU B 116 17.19 13.75 1.91
N LYS B 117 17.21 13.97 0.60
CA LYS B 117 16.06 13.67 -0.24
C LYS B 117 15.75 12.18 -0.17
N LYS B 118 16.79 11.37 -0.20
CA LYS B 118 16.64 9.92 -0.10
C LYS B 118 16.09 9.52 1.26
N ALA B 119 16.69 10.08 2.31
CA ALA B 119 16.30 9.76 3.68
C ALA B 119 14.84 10.10 3.96
N LEU B 120 14.40 11.26 3.47
CA LEU B 120 13.02 11.70 3.66
C LEU B 120 12.03 10.77 2.97
N GLU B 121 12.42 10.23 1.82
CA GLU B 121 11.58 9.28 1.10
C GLU B 121 11.45 7.98 1.89
N LEU B 122 12.54 7.56 2.52
CA LEU B 122 12.55 6.34 3.31
C LEU B 122 11.76 6.51 4.61
N LEU B 123 11.91 7.66 5.25
CA LEU B 123 11.16 7.97 6.46
C LEU B 123 9.67 8.00 6.17
N GLU B 124 9.31 8.55 5.00
CA GLU B 124 7.93 8.54 4.54
C GLU B 124 7.48 7.11 4.28
N ARG B 125 8.35 6.31 3.66
CA ARG B 125 8.03 4.93 3.33
C ARG B 125 7.81 4.07 4.58
N VAL B 126 8.52 4.39 5.65
CA VAL B 126 8.35 3.65 6.91
C VAL B 126 7.41 4.38 7.87
N GLY B 127 6.68 5.35 7.34
CA GLY B 127 5.60 6.00 8.08
C GLY B 127 5.99 6.96 9.19
N ILE B 128 7.18 7.54 9.09
CA ILE B 128 7.62 8.50 10.11
C ILE B 128 8.27 9.75 9.53
N LEU B 129 7.67 10.28 8.47
CA LEU B 129 8.15 11.51 7.85
C LEU B 129 8.12 12.64 8.87
N ASP B 130 7.01 12.74 9.61
CA ASP B 130 6.81 13.83 10.56
C ASP B 130 7.72 13.77 11.78
N GLN B 131 8.53 12.72 11.88
CA GLN B 131 9.46 12.57 12.99
C GLN B 131 10.87 13.01 12.62
N ALA B 132 11.07 13.34 11.35
CA ALA B 132 12.39 13.61 10.78
C ALA B 132 13.20 14.69 11.50
N ARG B 133 12.52 15.64 12.14
CA ARG B 133 13.20 16.75 12.80
C ARG B 133 13.42 16.46 14.28
N LYS B 134 12.77 15.42 14.79
CA LYS B 134 12.88 15.06 16.19
C LYS B 134 14.20 14.35 16.52
N TYR B 135 14.47 14.21 17.80
CA TYR B 135 15.62 13.46 18.28
C TYR B 135 15.12 12.12 18.82
N PRO B 136 15.98 11.07 18.79
CA PRO B 136 15.56 9.70 19.12
C PRO B 136 14.82 9.55 20.44
N ALA B 137 15.15 10.36 21.43
CA ALA B 137 14.54 10.24 22.76
C ALA B 137 13.08 10.65 22.77
N GLN B 138 12.67 11.40 21.74
CA GLN B 138 11.28 11.83 21.63
C GLN B 138 10.46 10.81 20.85
N LEU B 139 11.09 9.71 20.47
CA LEU B 139 10.42 8.69 19.68
C LEU B 139 10.06 7.46 20.51
N SER B 140 9.02 6.76 20.09
CA SER B 140 8.67 5.49 20.71
C SER B 140 9.58 4.40 20.16
N GLY B 141 9.53 3.22 20.75
CA GLY B 141 10.34 2.11 20.29
C GLY B 141 9.98 1.69 18.88
N GLY B 142 8.69 1.77 18.58
CA GLY B 142 8.21 1.43 17.24
C GLY B 142 8.70 2.41 16.20
N GLN B 143 8.75 3.68 16.58
CA GLN B 143 9.26 4.71 15.69
C GLN B 143 10.78 4.63 15.55
N GLN B 144 11.46 4.41 16.68
CA GLN B 144 12.91 4.32 16.71
C GLN B 144 13.42 3.17 15.84
N GLN B 145 12.76 2.02 15.93
CA GLN B 145 13.17 0.84 15.16
C GLN B 145 13.00 1.08 13.67
N ARG B 146 11.95 1.82 13.30
CA ARG B 146 11.71 2.14 11.90
C ARG B 146 12.74 3.14 11.38
N VAL B 147 13.29 3.94 12.27
CA VAL B 147 14.40 4.83 11.91
C VAL B 147 15.63 3.98 11.59
N ALA B 148 15.86 2.96 12.41
CA ALA B 148 16.98 2.05 12.21
C ALA B 148 16.86 1.32 10.88
N ILE B 149 15.64 0.91 10.55
CA ILE B 149 15.38 0.24 9.27
C ILE B 149 15.65 1.18 8.11
N ALA B 150 15.11 2.40 8.20
CA ALA B 150 15.31 3.40 7.17
C ALA B 150 16.79 3.77 7.03
N ARG B 151 17.50 3.76 8.15
CA ARG B 151 18.93 4.04 8.16
C ARG B 151 19.70 2.99 7.36
N ALA B 152 19.39 1.72 7.63
CA ALA B 152 20.03 0.61 6.92
C ALA B 152 19.68 0.64 5.45
N LEU B 153 18.44 1.02 5.13
CA LEU B 153 17.97 1.09 3.75
C LEU B 153 18.66 2.19 2.96
N ALA B 154 19.12 3.23 3.66
CA ALA B 154 19.74 4.39 3.02
C ALA B 154 21.03 4.04 2.29
N MET B 155 21.66 2.93 2.68
CA MET B 155 22.86 2.45 2.01
C MET B 155 22.50 1.62 0.78
N GLU B 156 21.20 1.45 0.57
CA GLU B 156 20.67 0.60 -0.50
C GLU B 156 21.38 -0.75 -0.59
N PRO B 157 21.30 -1.54 0.50
CA PRO B 157 22.03 -2.81 0.57
C PRO B 157 21.41 -3.87 -0.32
N LYS B 158 22.19 -4.89 -0.69
CA LYS B 158 21.65 -6.00 -1.46
C LYS B 158 21.01 -7.01 -0.53
N ILE B 159 21.47 -7.01 0.72
CA ILE B 159 21.02 -7.97 1.72
C ILE B 159 20.62 -7.26 3.02
N MET B 160 19.43 -7.60 3.53
CA MET B 160 18.98 -7.05 4.80
C MET B 160 18.80 -8.15 5.84
N LEU B 161 19.47 -7.99 6.98
CA LEU B 161 19.41 -8.98 8.07
C LEU B 161 18.59 -8.43 9.24
N PHE B 162 17.64 -9.21 9.71
CA PHE B 162 16.77 -8.80 10.80
C PHE B 162 16.88 -9.76 11.98
N ASP B 163 17.66 -9.38 12.99
CA ASP B 163 17.82 -10.21 14.17
C ASP B 163 16.82 -9.84 15.27
N GLU B 164 15.69 -10.56 15.28
CA GLU B 164 14.61 -10.35 16.25
C GLU B 164 14.27 -8.88 16.52
N PRO B 165 14.00 -8.11 15.45
CA PRO B 165 13.91 -6.65 15.61
C PRO B 165 12.72 -6.16 16.44
N THR B 166 11.76 -7.04 16.73
CA THR B 166 10.60 -6.64 17.52
C THR B 166 10.57 -7.33 18.88
N SER B 167 11.59 -8.13 19.17
CA SER B 167 11.62 -8.93 20.39
C SER B 167 11.67 -8.09 21.67
N ALA B 168 12.28 -6.91 21.59
CA ALA B 168 12.38 -6.02 22.74
C ALA B 168 11.38 -4.87 22.63
N LEU B 169 10.33 -5.07 21.84
CA LEU B 169 9.30 -4.05 21.67
C LEU B 169 8.06 -4.37 22.49
N ASP B 170 7.43 -3.32 23.01
CA ASP B 170 6.12 -3.47 23.65
C ASP B 170 5.13 -3.90 22.58
N PRO B 171 4.18 -4.77 22.95
CA PRO B 171 3.22 -5.37 22.01
C PRO B 171 2.52 -4.36 21.08
N GLU B 172 2.31 -3.14 21.57
CA GLU B 172 1.64 -2.12 20.77
C GLU B 172 2.54 -1.60 19.64
N MET B 173 3.84 -1.86 19.77
CA MET B 173 4.82 -1.34 18.82
C MET B 173 5.23 -2.36 17.76
N VAL B 174 4.91 -3.63 18.03
CA VAL B 174 5.30 -4.72 17.14
C VAL B 174 4.73 -4.58 15.74
N GLY B 175 3.43 -4.30 15.65
CA GLY B 175 2.72 -4.23 14.39
C GLY B 175 3.29 -3.27 13.37
N GLU B 176 3.58 -2.04 13.80
CA GLU B 176 4.06 -1.01 12.89
C GLU B 176 5.43 -1.35 12.28
N VAL B 177 6.21 -2.13 13.01
CA VAL B 177 7.53 -2.54 12.53
C VAL B 177 7.42 -3.71 11.57
N LEU B 178 6.57 -4.67 11.90
CA LEU B 178 6.35 -5.84 11.05
C LEU B 178 5.80 -5.46 9.68
N ASP B 179 4.95 -4.43 9.66
CA ASP B 179 4.35 -3.97 8.41
C ASP B 179 5.41 -3.41 7.46
N VAL B 180 6.42 -2.77 8.00
CA VAL B 180 7.53 -2.27 7.21
C VAL B 180 8.30 -3.43 6.61
N MET B 181 8.54 -4.45 7.43
CA MET B 181 9.24 -5.66 6.99
C MET B 181 8.41 -6.42 5.96
N ARG B 182 7.08 -6.30 6.07
CA ARG B 182 6.18 -6.89 5.09
C ARG B 182 6.35 -6.19 3.75
N ASP B 183 6.43 -4.86 3.78
CA ASP B 183 6.65 -4.06 2.58
C ASP B 183 7.94 -4.45 1.88
N LEU B 184 9.00 -4.60 2.66
CA LEU B 184 10.30 -4.97 2.11
C LEU B 184 10.29 -6.39 1.53
N ALA B 185 9.45 -7.25 2.10
CA ALA B 185 9.36 -8.63 1.67
C ALA B 185 8.68 -8.77 0.31
N GLN B 186 8.08 -7.69 -0.16
CA GLN B 186 7.47 -7.67 -1.49
C GLN B 186 8.54 -7.35 -2.53
N GLY B 187 9.69 -6.86 -2.07
CA GLY B 187 10.74 -6.41 -2.96
C GLY B 187 11.72 -7.49 -3.37
N GLY B 188 12.80 -7.08 -4.05
CA GLY B 188 13.77 -8.00 -4.59
C GLY B 188 15.00 -8.17 -3.71
N MET B 189 15.01 -7.47 -2.58
CA MET B 189 16.12 -7.55 -1.63
C MET B 189 16.23 -8.97 -1.07
N THR B 190 17.45 -9.39 -0.79
CA THR B 190 17.67 -10.66 -0.09
C THR B 190 17.48 -10.41 1.39
N MET B 191 16.49 -11.09 1.98
CA MET B 191 16.17 -10.86 3.38
C MET B 191 16.35 -12.12 4.23
N VAL B 192 17.07 -11.97 5.33
CA VAL B 192 17.17 -13.01 6.34
C VAL B 192 16.59 -12.47 7.63
N VAL B 193 15.59 -13.18 8.16
CA VAL B 193 14.88 -12.71 9.35
C VAL B 193 14.81 -13.77 10.44
N VAL B 194 15.29 -13.44 11.63
CA VAL B 194 15.11 -14.27 12.80
C VAL B 194 14.01 -13.64 13.64
N THR B 195 12.97 -14.41 13.95
CA THR B 195 11.81 -13.83 14.63
C THR B 195 10.99 -14.83 15.42
N HIS B 196 10.20 -14.31 16.37
CA HIS B 196 9.26 -15.12 17.13
C HIS B 196 7.87 -15.00 16.50
N GLU B 197 7.70 -13.99 15.66
CA GLU B 197 6.41 -13.71 15.05
C GLU B 197 6.08 -14.70 13.94
N MET B 198 5.34 -15.75 14.31
CA MET B 198 5.08 -16.87 13.41
C MET B 198 4.08 -16.52 12.31
N GLY B 199 3.10 -15.69 12.62
CA GLY B 199 2.15 -15.23 11.63
C GLY B 199 2.87 -14.49 10.51
N PHE B 200 3.82 -13.65 10.91
CA PHE B 200 4.66 -12.93 9.97
C PHE B 200 5.54 -13.89 9.18
N ALA B 201 6.07 -14.90 9.87
CA ALA B 201 6.96 -15.88 9.26
C ALA B 201 6.27 -16.67 8.16
N ARG B 202 5.10 -17.21 8.47
CA ARG B 202 4.35 -18.04 7.54
C ARG B 202 3.91 -17.27 6.30
N GLU B 203 3.55 -16.01 6.50
CA GLU B 203 2.99 -15.17 5.44
C GLU B 203 4.04 -14.65 4.47
N VAL B 204 5.23 -14.38 4.98
CA VAL B 204 6.25 -13.62 4.25
C VAL B 204 7.33 -14.50 3.59
N ALA B 205 7.70 -15.58 4.26
CA ALA B 205 8.85 -16.38 3.88
C ALA B 205 8.73 -17.13 2.56
N ASP B 206 9.85 -17.19 1.84
CA ASP B 206 10.00 -18.10 0.71
C ASP B 206 10.41 -19.45 1.28
N ARG B 207 11.07 -19.41 2.44
CA ARG B 207 11.62 -20.60 3.05
C ARG B 207 11.85 -20.39 4.55
N VAL B 208 11.41 -21.35 5.36
CA VAL B 208 11.54 -21.27 6.81
C VAL B 208 12.54 -22.29 7.33
N VAL B 209 13.48 -21.84 8.16
CA VAL B 209 14.46 -22.73 8.76
C VAL B 209 14.24 -22.85 10.27
N PHE B 210 14.06 -24.08 10.73
CA PHE B 210 13.91 -24.35 12.15
C PHE B 210 15.23 -24.80 12.76
N MET B 211 15.65 -24.13 13.82
CA MET B 211 16.90 -24.46 14.50
C MET B 211 16.65 -24.90 15.94
N ASP B 212 17.52 -25.78 16.42
CA ASP B 212 17.46 -26.25 17.81
C ASP B 212 18.79 -26.86 18.20
N GLY B 213 19.34 -26.43 19.32
CA GLY B 213 20.57 -26.98 19.83
C GLY B 213 21.78 -26.75 18.94
N GLY B 214 21.81 -25.59 18.29
CA GLY B 214 22.96 -25.20 17.49
C GLY B 214 23.03 -25.81 16.10
N GLN B 215 21.97 -26.50 15.70
CA GLN B 215 21.92 -27.11 14.39
C GLN B 215 20.63 -26.76 13.67
N ILE B 216 20.65 -26.85 12.34
CA ILE B 216 19.41 -26.75 11.58
C ILE B 216 18.71 -28.10 11.59
N VAL B 217 17.50 -28.13 12.10
CA VAL B 217 16.76 -29.38 12.27
C VAL B 217 15.86 -29.68 11.08
N GLU B 218 15.20 -28.66 10.57
CA GLU B 218 14.30 -28.84 9.43
C GLU B 218 14.12 -27.53 8.66
N GLU B 219 13.83 -27.65 7.36
CA GLU B 219 13.56 -26.49 6.52
C GLU B 219 12.55 -26.82 5.43
N GLY B 220 11.86 -25.80 4.93
CA GLY B 220 10.90 -25.98 3.86
C GLY B 220 10.07 -24.73 3.62
N ARG B 221 9.11 -24.84 2.71
CA ARG B 221 8.16 -23.75 2.48
C ARG B 221 7.41 -23.50 3.78
N PRO B 222 6.96 -22.25 3.99
CA PRO B 222 6.18 -21.96 5.20
C PRO B 222 4.97 -22.87 5.32
N GLU B 223 4.31 -23.17 4.20
CA GLU B 223 3.14 -24.04 4.20
C GLU B 223 3.49 -25.46 4.62
N GLU B 224 4.67 -25.93 4.23
CA GLU B 224 5.11 -27.27 4.57
C GLU B 224 5.47 -27.35 6.05
N ILE B 225 6.40 -26.49 6.47
CA ILE B 225 6.87 -26.46 7.85
C ILE B 225 5.74 -26.23 8.86
N PHE B 226 4.82 -25.32 8.54
CA PHE B 226 3.78 -24.92 9.49
C PHE B 226 2.56 -25.84 9.54
N THR B 227 2.42 -26.73 8.56
CA THR B 227 1.28 -27.65 8.56
C THR B 227 1.71 -29.10 8.60
N ARG B 228 2.80 -29.41 7.90
CA ARG B 228 3.30 -30.78 7.82
C ARG B 228 4.75 -30.92 8.24
N PRO B 229 5.10 -30.53 9.48
CA PRO B 229 6.50 -30.67 9.86
C PRO B 229 6.93 -32.13 9.97
N LYS B 230 8.11 -32.45 9.44
CA LYS B 230 8.60 -33.82 9.42
C LYS B 230 9.18 -34.23 10.77
N GLU B 231 9.82 -33.29 11.44
CA GLU B 231 10.47 -33.57 12.72
C GLU B 231 9.53 -33.34 13.89
N GLU B 232 9.65 -34.16 14.91
CA GLU B 232 8.86 -33.99 16.12
C GLU B 232 9.31 -32.74 16.86
N ARG B 233 10.61 -32.45 16.80
CA ARG B 233 11.14 -31.24 17.42
C ARG B 233 10.56 -29.98 16.78
N THR B 234 10.36 -30.02 15.47
CA THR B 234 9.69 -28.93 14.77
C THR B 234 8.22 -28.93 15.14
N ARG B 235 7.64 -30.13 15.16
CA ARG B 235 6.24 -30.32 15.50
C ARG B 235 5.95 -29.89 16.94
N SER B 236 6.85 -30.27 17.85
CA SER B 236 6.70 -29.93 19.26
C SER B 236 6.86 -28.43 19.51
N PHE B 237 7.81 -27.82 18.82
CA PHE B 237 8.08 -26.39 18.98
C PHE B 237 6.91 -25.54 18.49
N LEU B 238 6.38 -25.88 17.32
CA LEU B 238 5.27 -25.13 16.73
C LEU B 238 3.99 -25.28 17.54
N GLN B 239 3.83 -26.44 18.18
CA GLN B 239 2.69 -26.71 19.04
C GLN B 239 2.62 -25.71 20.19
N ARG B 240 3.74 -25.52 20.86
CA ARG B 240 3.82 -24.63 22.01
C ARG B 240 3.75 -23.17 21.59
N VAL B 241 4.45 -22.85 20.50
CA VAL B 241 4.63 -21.47 20.06
C VAL B 241 3.37 -20.88 19.44
N LEU B 242 2.48 -21.74 18.96
CA LEU B 242 1.22 -21.31 18.37
C LEU B 242 0.07 -21.36 19.36
N HIS B 243 0.39 -21.65 20.62
CA HIS B 243 -0.62 -21.71 21.66
C HIS B 243 -1.00 -20.32 22.14
N MET C 1 -10.96 -6.91 9.13
CA MET C 1 -9.53 -7.20 9.14
C MET C 1 -9.08 -7.97 7.90
N GLU C 2 -10.01 -8.74 7.33
CA GLU C 2 -9.76 -9.50 6.10
C GLU C 2 -10.11 -8.63 4.89
N PRO C 3 -9.54 -8.95 3.70
CA PRO C 3 -9.82 -8.16 2.51
C PRO C 3 -11.30 -8.18 2.12
N ILE C 4 -11.82 -7.04 1.70
CA ILE C 4 -13.22 -6.93 1.33
C ILE C 4 -13.42 -7.35 -0.13
N ILE C 5 -12.31 -7.43 -0.85
CA ILE C 5 -12.30 -7.99 -2.20
C ILE C 5 -11.20 -9.03 -2.29
N ARG C 6 -11.58 -10.26 -2.62
CA ARG C 6 -10.61 -11.34 -2.73
C ARG C 6 -10.74 -12.09 -4.06
N ILE C 7 -9.68 -12.06 -4.85
CA ILE C 7 -9.68 -12.70 -6.16
C ILE C 7 -8.56 -13.74 -6.26
N ARG C 8 -8.91 -14.95 -6.67
CA ARG C 8 -7.93 -16.04 -6.77
C ARG C 8 -7.98 -16.74 -8.12
N ASN C 9 -6.81 -16.91 -8.74
CA ASN C 9 -6.65 -17.64 -9.99
C ASN C 9 -7.71 -17.31 -11.06
N LEU C 10 -7.96 -16.02 -11.24
CA LEU C 10 -9.00 -15.56 -12.15
C LEU C 10 -8.60 -15.62 -13.61
N HIS C 11 -9.27 -16.48 -14.37
CA HIS C 11 -9.09 -16.56 -15.82
C HIS C 11 -10.36 -16.17 -16.55
N LYS C 12 -10.22 -15.42 -17.64
CA LYS C 12 -11.36 -15.13 -18.49
C LYS C 12 -11.03 -15.29 -19.97
N TRP C 13 -11.94 -15.93 -20.70
CA TRP C 13 -11.81 -16.05 -22.15
C TRP C 13 -12.96 -15.31 -22.85
N PHE C 14 -12.59 -14.42 -23.78
CA PHE C 14 -13.56 -13.74 -24.60
C PHE C 14 -13.52 -14.33 -26.00
N GLY C 15 -14.40 -15.30 -26.26
CA GLY C 15 -14.26 -16.13 -27.44
C GLY C 15 -13.05 -17.02 -27.20
N PRO C 16 -12.12 -17.07 -28.16
CA PRO C 16 -10.88 -17.80 -27.94
C PRO C 16 -9.86 -16.96 -27.19
N LEU C 17 -10.09 -15.65 -27.15
CA LEU C 17 -9.14 -14.71 -26.55
C LEU C 17 -9.00 -14.88 -25.04
N HIS C 18 -7.77 -15.16 -24.61
CA HIS C 18 -7.45 -15.26 -23.20
C HIS C 18 -7.03 -13.89 -22.69
N VAL C 19 -7.95 -13.17 -22.07
CA VAL C 19 -7.73 -11.77 -21.72
C VAL C 19 -7.38 -11.54 -20.25
N LEU C 20 -7.67 -12.51 -19.41
CA LEU C 20 -7.22 -12.51 -18.02
C LEU C 20 -6.57 -13.85 -17.73
N LYS C 21 -5.34 -13.82 -17.22
CA LYS C 21 -4.57 -15.04 -17.09
C LYS C 21 -4.17 -15.36 -15.65
N GLY C 22 -5.15 -15.78 -14.85
CA GLY C 22 -4.89 -16.21 -13.49
C GLY C 22 -4.41 -15.12 -12.57
N ILE C 23 -5.24 -14.10 -12.39
CA ILE C 23 -4.84 -12.97 -11.55
C ILE C 23 -5.13 -13.25 -10.07
N HIS C 24 -4.25 -12.73 -9.21
CA HIS C 24 -4.43 -12.84 -7.77
C HIS C 24 -4.45 -11.46 -7.14
N LEU C 25 -5.58 -11.09 -6.57
CA LEU C 25 -5.77 -9.75 -6.01
C LEU C 25 -6.54 -9.80 -4.71
N GLU C 26 -6.06 -9.06 -3.72
CA GLU C 26 -6.79 -8.84 -2.48
C GLU C 26 -6.82 -7.36 -2.16
N VAL C 27 -8.01 -6.84 -1.88
CA VAL C 27 -8.16 -5.43 -1.58
C VAL C 27 -8.66 -5.25 -0.15
N ALA C 28 -7.86 -4.58 0.66
CA ALA C 28 -8.22 -4.33 2.05
C ALA C 28 -9.39 -3.35 2.13
N PRO C 29 -10.22 -3.47 3.19
CA PRO C 29 -11.31 -2.53 3.42
C PRO C 29 -10.79 -1.10 3.55
N GLY C 30 -11.25 -0.22 2.66
CA GLY C 30 -10.83 1.17 2.70
C GLY C 30 -9.55 1.44 1.92
N GLU C 31 -9.01 0.41 1.29
CA GLU C 31 -7.79 0.58 0.51
C GLU C 31 -8.07 1.34 -0.78
N LYS C 32 -7.10 2.16 -1.20
CA LYS C 32 -7.20 2.88 -2.46
C LYS C 32 -6.34 2.18 -3.51
N LEU C 33 -6.95 1.28 -4.27
CA LEU C 33 -6.24 0.52 -5.29
C LEU C 33 -6.38 1.18 -6.66
N VAL C 34 -5.24 1.46 -7.29
CA VAL C 34 -5.25 2.02 -8.63
C VAL C 34 -4.57 1.07 -9.61
N ILE C 35 -5.24 0.80 -10.73
CA ILE C 35 -4.74 -0.14 -11.72
C ILE C 35 -4.38 0.57 -13.03
N ILE C 36 -3.15 0.38 -13.48
CA ILE C 36 -2.67 1.03 -14.70
C ILE C 36 -2.06 0.02 -15.67
N GLY C 37 -1.91 0.42 -16.93
CA GLY C 37 -1.33 -0.44 -17.94
C GLY C 37 -1.77 -0.08 -19.33
N PRO C 38 -1.09 -0.63 -20.35
CA PRO C 38 -1.43 -0.36 -21.75
C PRO C 38 -2.80 -0.91 -22.10
N SER C 39 -3.47 -0.29 -23.07
CA SER C 39 -4.79 -0.74 -23.50
C SER C 39 -4.76 -2.21 -23.91
N GLY C 40 -5.79 -2.95 -23.52
CA GLY C 40 -5.88 -4.35 -23.84
C GLY C 40 -5.09 -5.23 -22.90
N SER C 41 -4.73 -4.69 -21.74
CA SER C 41 -4.03 -5.46 -20.72
C SER C 41 -5.03 -6.19 -19.83
N GLY C 42 -6.31 -5.86 -20.01
CA GLY C 42 -7.38 -6.54 -19.30
C GLY C 42 -7.77 -5.90 -17.98
N LYS C 43 -7.39 -4.63 -17.81
CA LYS C 43 -7.65 -3.95 -16.54
C LYS C 43 -9.10 -3.51 -16.36
N SER C 44 -9.74 -3.06 -17.44
CA SER C 44 -11.15 -2.70 -17.38
C SER C 44 -11.99 -3.96 -17.23
N THR C 45 -11.54 -5.03 -17.88
CA THR C 45 -12.20 -6.32 -17.76
C THR C 45 -12.12 -6.80 -16.31
N LEU C 46 -10.96 -6.62 -15.70
CA LEU C 46 -10.73 -7.05 -14.32
C LEU C 46 -11.65 -6.35 -13.32
N ILE C 47 -11.75 -5.04 -13.43
CA ILE C 47 -12.55 -4.26 -12.49
C ILE C 47 -14.04 -4.55 -12.63
N ARG C 48 -14.46 -4.97 -13.82
CA ARG C 48 -15.87 -5.23 -14.09
C ARG C 48 -16.33 -6.62 -13.61
N THR C 49 -15.37 -7.46 -13.21
CA THR C 49 -15.71 -8.79 -12.67
C THR C 49 -16.01 -8.71 -11.18
N ILE C 50 -15.74 -7.55 -10.59
CA ILE C 50 -15.91 -7.37 -9.15
C ILE C 50 -17.40 -7.35 -8.78
N ASN C 51 -18.23 -6.83 -9.67
CA ASN C 51 -19.67 -6.90 -9.50
C ASN C 51 -20.33 -7.68 -10.64
N ARG C 52 -19.56 -8.61 -11.20
CA ARG C 52 -20.02 -9.50 -12.27
C ARG C 52 -20.68 -8.79 -13.45
N LEU C 53 -20.01 -7.78 -13.98
CA LEU C 53 -20.41 -7.19 -15.24
C LEU C 53 -19.70 -7.96 -16.36
N GLU C 54 -18.63 -8.63 -15.97
CA GLU C 54 -17.94 -9.58 -16.83
C GLU C 54 -17.92 -10.94 -16.13
N ASP C 55 -18.37 -11.97 -16.82
CA ASP C 55 -18.33 -13.31 -16.26
C ASP C 55 -16.94 -13.90 -16.45
N PHE C 56 -16.64 -14.96 -15.71
CA PHE C 56 -15.34 -15.62 -15.83
C PHE C 56 -15.44 -17.13 -15.70
N GLN C 57 -14.58 -17.84 -16.41
CA GLN C 57 -14.68 -19.29 -16.52
C GLN C 57 -13.83 -20.02 -15.50
N GLU C 58 -13.01 -19.28 -14.75
CA GLU C 58 -12.07 -19.91 -13.84
C GLU C 58 -11.71 -19.01 -12.67
N GLY C 59 -11.47 -19.62 -11.52
CA GLY C 59 -11.05 -18.88 -10.34
C GLY C 59 -12.20 -18.47 -9.44
N GLU C 60 -11.95 -17.52 -8.56
CA GLU C 60 -12.93 -17.10 -7.57
C GLU C 60 -12.83 -15.62 -7.25
N VAL C 61 -13.96 -14.93 -7.28
CA VAL C 61 -14.01 -13.53 -6.88
C VAL C 61 -15.00 -13.34 -5.74
N VAL C 62 -14.48 -13.00 -4.57
CA VAL C 62 -15.30 -12.86 -3.37
C VAL C 62 -15.39 -11.40 -2.92
N VAL C 63 -16.61 -10.90 -2.80
CA VAL C 63 -16.83 -9.53 -2.36
C VAL C 63 -17.56 -9.49 -1.03
N ASP C 64 -16.88 -9.00 0.00
CA ASP C 64 -17.43 -8.92 1.36
C ASP C 64 -17.89 -10.28 1.88
N GLY C 65 -17.11 -11.31 1.57
CA GLY C 65 -17.40 -12.66 2.04
C GLY C 65 -18.39 -13.40 1.18
N LEU C 66 -18.81 -12.77 0.08
CA LEU C 66 -19.78 -13.36 -0.82
C LEU C 66 -19.17 -13.61 -2.19
N SER C 67 -19.34 -14.83 -2.70
CA SER C 67 -18.88 -15.16 -4.05
C SER C 67 -19.76 -14.45 -5.07
N VAL C 68 -19.14 -13.89 -6.10
CA VAL C 68 -19.88 -13.18 -7.15
C VAL C 68 -20.62 -14.15 -8.06
N LYS C 69 -20.42 -15.44 -7.84
CA LYS C 69 -21.06 -16.46 -8.66
C LYS C 69 -22.27 -17.09 -7.98
N ASP C 70 -22.49 -16.73 -6.72
CA ASP C 70 -23.71 -17.14 -6.02
C ASP C 70 -24.81 -16.17 -6.41
N ASP C 71 -25.82 -16.68 -7.12
CA ASP C 71 -26.88 -15.84 -7.69
C ASP C 71 -27.67 -15.04 -6.66
N ARG C 72 -27.65 -15.48 -5.41
CA ARG C 72 -28.36 -14.79 -4.34
C ARG C 72 -27.44 -13.82 -3.59
N ALA C 73 -26.14 -14.01 -3.77
CA ALA C 73 -25.17 -13.11 -3.13
C ALA C 73 -24.91 -11.92 -4.03
N LEU C 74 -25.15 -12.10 -5.33
CA LEU C 74 -24.87 -11.07 -6.32
C LEU C 74 -25.72 -9.83 -6.09
N ARG C 75 -26.99 -10.02 -5.76
CA ARG C 75 -27.91 -8.92 -5.52
C ARG C 75 -27.38 -8.01 -4.42
N GLU C 76 -26.73 -8.61 -3.43
CA GLU C 76 -26.17 -7.89 -2.30
C GLU C 76 -24.88 -7.17 -2.69
N ILE C 77 -24.10 -7.81 -3.56
CA ILE C 77 -22.85 -7.22 -4.05
C ILE C 77 -23.09 -6.00 -4.93
N ARG C 78 -24.12 -6.06 -5.78
CA ARG C 78 -24.48 -4.94 -6.65
C ARG C 78 -24.85 -3.74 -5.81
N ARG C 79 -25.18 -4.02 -4.55
CA ARG C 79 -25.89 -3.13 -3.63
C ARG C 79 -24.81 -2.51 -2.75
N GLU C 80 -23.68 -3.21 -2.62
CA GLU C 80 -22.54 -2.75 -1.82
C GLU C 80 -21.44 -2.17 -2.71
N VAL C 81 -21.59 -2.37 -4.02
CA VAL C 81 -20.60 -1.89 -4.98
C VAL C 81 -21.16 -0.86 -5.94
N GLY C 82 -20.58 0.33 -5.94
CA GLY C 82 -20.92 1.34 -6.90
C GLY C 82 -19.90 1.32 -8.03
N MET C 83 -20.29 1.78 -9.21
CA MET C 83 -19.37 1.81 -10.34
C MET C 83 -19.57 3.05 -11.21
N VAL C 84 -18.46 3.65 -11.62
CA VAL C 84 -18.49 4.82 -12.49
C VAL C 84 -17.77 4.48 -13.79
N PHE C 85 -18.39 4.82 -14.92
CA PHE C 85 -17.87 4.41 -16.23
C PHE C 85 -17.25 5.53 -17.04
N GLN C 86 -16.72 5.13 -18.19
CA GLN C 86 -16.26 6.06 -19.21
C GLN C 86 -17.49 6.76 -19.78
N GLN C 87 -18.58 6.01 -19.91
CA GLN C 87 -19.86 6.55 -20.35
C GLN C 87 -20.69 6.95 -19.14
N PHE C 88 -21.51 7.98 -19.30
CA PHE C 88 -22.24 8.55 -18.17
C PHE C 88 -23.56 7.82 -17.90
N ASN C 89 -24.23 7.42 -18.97
CA ASN C 89 -25.47 6.65 -18.88
C ASN C 89 -26.59 7.32 -18.07
N LEU C 90 -26.79 8.61 -18.33
CA LEU C 90 -27.82 9.37 -17.64
C LEU C 90 -29.13 9.31 -18.42
N PHE C 91 -30.25 9.46 -17.72
CA PHE C 91 -31.55 9.52 -18.36
C PHE C 91 -31.89 10.96 -18.72
N PRO C 92 -31.96 11.26 -20.02
CA PRO C 92 -32.13 12.61 -20.55
C PRO C 92 -33.41 13.30 -20.11
N HIS C 93 -34.47 12.52 -19.89
CA HIS C 93 -35.78 13.08 -19.59
C HIS C 93 -36.03 13.26 -18.11
N MET C 94 -35.10 12.81 -17.28
CA MET C 94 -35.20 13.00 -15.84
C MET C 94 -34.23 14.07 -15.39
N THR C 95 -34.55 14.73 -14.28
CA THR C 95 -33.66 15.74 -13.73
C THR C 95 -32.42 15.08 -13.13
N VAL C 96 -31.42 15.90 -12.82
CA VAL C 96 -30.23 15.41 -12.15
C VAL C 96 -30.61 14.74 -10.82
N LEU C 97 -31.54 15.37 -10.10
CA LEU C 97 -32.04 14.83 -8.85
C LEU C 97 -32.69 13.46 -9.06
N GLU C 98 -33.59 13.38 -10.03
CA GLU C 98 -34.28 12.13 -10.34
C GLU C 98 -33.32 11.05 -10.80
N ASN C 99 -32.27 11.45 -11.52
CA ASN C 99 -31.23 10.51 -11.96
C ASN C 99 -30.46 9.90 -10.79
N VAL C 100 -30.36 10.66 -9.70
CA VAL C 100 -29.60 10.22 -8.53
C VAL C 100 -30.47 9.39 -7.57
N THR C 101 -31.74 9.77 -7.44
CA THR C 101 -32.65 9.12 -6.49
C THR C 101 -33.19 7.78 -7.00
N LEU C 102 -33.00 7.52 -8.29
CA LEU C 102 -33.61 6.37 -8.95
C LEU C 102 -33.31 5.04 -8.27
N ALA C 103 -32.03 4.70 -8.19
CA ALA C 103 -31.60 3.45 -7.58
C ALA C 103 -31.89 3.34 -6.06
N PRO C 104 -31.65 4.42 -5.27
CA PRO C 104 -32.06 4.37 -3.87
C PRO C 104 -33.56 4.09 -3.68
N MET C 105 -34.39 4.61 -4.58
CA MET C 105 -35.83 4.41 -4.46
C MET C 105 -36.27 3.02 -4.93
N ARG C 106 -35.65 2.51 -5.98
CA ARG C 106 -36.05 1.22 -6.53
C ARG C 106 -35.40 0.06 -5.78
N VAL C 107 -34.11 0.18 -5.49
CA VAL C 107 -33.39 -0.92 -4.86
C VAL C 107 -33.56 -0.95 -3.35
N ARG C 108 -33.50 0.20 -2.70
CA ARG C 108 -33.65 0.25 -1.24
C ARG C 108 -35.12 0.41 -0.83
N ARG C 109 -35.96 0.79 -1.79
CA ARG C 109 -37.37 1.08 -1.54
C ARG C 109 -37.47 2.23 -0.56
N TRP C 110 -36.56 3.19 -0.69
CA TRP C 110 -36.63 4.43 0.08
C TRP C 110 -37.79 5.29 -0.43
N PRO C 111 -38.44 6.03 0.48
CA PRO C 111 -39.45 6.99 0.03
C PRO C 111 -38.78 8.17 -0.66
N ARG C 112 -39.50 8.83 -1.56
CA ARG C 112 -38.95 9.89 -2.39
C ARG C 112 -38.27 11.01 -1.59
N GLU C 113 -38.90 11.42 -0.49
CA GLU C 113 -38.39 12.52 0.33
C GLU C 113 -37.04 12.19 0.97
N LYS C 114 -36.87 10.94 1.36
CA LYS C 114 -35.62 10.51 1.98
C LYS C 114 -34.49 10.43 0.95
N ALA C 115 -34.81 9.87 -0.21
CA ALA C 115 -33.83 9.72 -1.28
C ALA C 115 -33.34 11.07 -1.80
N GLU C 116 -34.26 12.02 -1.94
CA GLU C 116 -33.93 13.34 -2.47
C GLU C 116 -33.05 14.15 -1.52
N LYS C 117 -33.32 14.05 -0.22
CA LYS C 117 -32.52 14.73 0.79
C LYS C 117 -31.09 14.23 0.73
N LYS C 118 -30.94 12.91 0.70
CA LYS C 118 -29.63 12.27 0.59
C LYS C 118 -28.95 12.67 -0.72
N ALA C 119 -29.74 12.73 -1.78
CA ALA C 119 -29.23 13.06 -3.11
C ALA C 119 -28.67 14.47 -3.18
N LEU C 120 -29.43 15.43 -2.65
CA LEU C 120 -29.03 16.84 -2.66
C LEU C 120 -27.70 17.04 -1.94
N GLU C 121 -27.52 16.33 -0.83
CA GLU C 121 -26.28 16.41 -0.06
C GLU C 121 -25.09 15.91 -0.87
N LEU C 122 -25.33 14.90 -1.71
CA LEU C 122 -24.27 14.32 -2.52
C LEU C 122 -23.95 15.16 -3.75
N LEU C 123 -24.97 15.79 -4.32
CA LEU C 123 -24.77 16.68 -5.46
C LEU C 123 -23.98 17.92 -5.01
N GLU C 124 -24.15 18.27 -3.74
CA GLU C 124 -23.40 19.38 -3.16
C GLU C 124 -21.94 19.00 -2.98
N ARG C 125 -21.70 17.79 -2.50
CA ARG C 125 -20.34 17.32 -2.25
C ARG C 125 -19.53 17.25 -3.55
N VAL C 126 -20.18 16.85 -4.63
CA VAL C 126 -19.51 16.76 -5.92
C VAL C 126 -19.59 18.08 -6.69
N GLY C 127 -20.08 19.11 -6.02
CA GLY C 127 -19.99 20.47 -6.53
C GLY C 127 -21.01 20.90 -7.56
N ILE C 128 -22.16 20.24 -7.61
CA ILE C 128 -23.20 20.60 -8.58
C ILE C 128 -24.60 20.62 -8.00
N LEU C 129 -24.77 21.25 -6.84
CA LEU C 129 -26.08 21.39 -6.23
C LEU C 129 -26.98 22.30 -7.08
N ASP C 130 -26.37 23.31 -7.70
CA ASP C 130 -27.11 24.27 -8.52
C ASP C 130 -27.58 23.67 -9.85
N GLN C 131 -27.33 22.37 -10.02
CA GLN C 131 -27.62 21.68 -11.27
C GLN C 131 -28.70 20.63 -11.06
N ALA C 132 -29.10 20.45 -9.81
CA ALA C 132 -30.03 19.40 -9.40
C ALA C 132 -31.38 19.44 -10.11
N ARG C 133 -31.82 20.64 -10.50
CA ARG C 133 -33.13 20.79 -11.11
C ARG C 133 -33.05 20.74 -12.63
N LYS C 134 -31.88 20.40 -13.14
CA LYS C 134 -31.70 20.40 -14.58
C LYS C 134 -31.72 19.02 -15.22
N TYR C 135 -31.74 19.03 -16.55
CA TYR C 135 -31.70 17.81 -17.33
C TYR C 135 -30.29 17.66 -17.91
N PRO C 136 -29.86 16.41 -18.13
CA PRO C 136 -28.48 16.10 -18.55
C PRO C 136 -28.00 16.89 -19.76
N ALA C 137 -28.89 17.17 -20.71
CA ALA C 137 -28.52 17.84 -21.94
C ALA C 137 -27.88 19.22 -21.71
N GLN C 138 -28.26 19.87 -20.61
CA GLN C 138 -27.78 21.21 -20.31
C GLN C 138 -26.51 21.15 -19.45
N LEU C 139 -25.95 19.96 -19.29
CA LEU C 139 -24.75 19.79 -18.49
C LEU C 139 -23.54 19.42 -19.34
N SER C 140 -22.37 19.84 -18.89
CA SER C 140 -21.12 19.46 -19.54
C SER C 140 -20.81 18.01 -19.18
N GLY C 141 -19.81 17.44 -19.85
CA GLY C 141 -19.39 16.08 -19.56
C GLY C 141 -18.80 15.99 -18.16
N GLY C 142 -18.15 17.07 -17.73
CA GLY C 142 -17.55 17.12 -16.41
C GLY C 142 -18.59 17.15 -15.31
N GLN C 143 -19.71 17.82 -15.58
CA GLN C 143 -20.81 17.86 -14.62
C GLN C 143 -21.62 16.57 -14.66
N GLN C 144 -21.81 16.04 -15.87
CA GLN C 144 -22.59 14.82 -16.04
C GLN C 144 -21.94 13.61 -15.37
N GLN C 145 -20.62 13.53 -15.46
CA GLN C 145 -19.92 12.39 -14.86
C GLN C 145 -19.94 12.48 -13.33
N ARG C 146 -20.01 13.71 -12.81
CA ARG C 146 -20.12 13.90 -11.38
C ARG C 146 -21.54 13.60 -10.89
N VAL C 147 -22.51 13.65 -11.80
CA VAL C 147 -23.86 13.19 -11.50
C VAL C 147 -23.83 11.67 -11.35
N ALA C 148 -23.08 11.02 -12.22
CA ALA C 148 -22.94 9.56 -12.19
C ALA C 148 -22.23 9.09 -10.93
N ILE C 149 -21.23 9.85 -10.50
CA ILE C 149 -20.51 9.54 -9.26
C ILE C 149 -21.45 9.68 -8.07
N ALA C 150 -22.18 10.79 -8.04
CA ALA C 150 -23.16 11.04 -6.98
C ALA C 150 -24.24 9.97 -6.97
N ARG C 151 -24.61 9.50 -8.16
CA ARG C 151 -25.62 8.46 -8.30
C ARG C 151 -25.13 7.14 -7.71
N ALA C 152 -23.87 6.80 -7.98
CA ALA C 152 -23.28 5.59 -7.45
C ALA C 152 -23.15 5.65 -5.93
N LEU C 153 -22.87 6.85 -5.42
CA LEU C 153 -22.71 7.08 -3.99
C LEU C 153 -24.05 7.07 -3.26
N ALA C 154 -25.13 7.42 -3.97
CA ALA C 154 -26.45 7.47 -3.38
C ALA C 154 -26.91 6.12 -2.84
N MET C 155 -26.21 5.06 -3.25
CA MET C 155 -26.52 3.71 -2.81
C MET C 155 -25.76 3.39 -1.52
N GLU C 156 -25.04 4.40 -1.04
CA GLU C 156 -24.15 4.29 0.12
C GLU C 156 -23.34 3.01 0.12
N PRO C 157 -22.55 2.78 -0.95
CA PRO C 157 -21.86 1.49 -1.05
C PRO C 157 -20.60 1.45 -0.19
N LYS C 158 -20.02 0.27 -0.07
CA LYS C 158 -18.77 0.10 0.67
C LYS C 158 -17.61 0.22 -0.30
N ILE C 159 -17.86 -0.16 -1.54
CA ILE C 159 -16.84 -0.15 -2.58
C ILE C 159 -17.27 0.71 -3.77
N MET C 160 -16.37 1.55 -4.24
CA MET C 160 -16.62 2.34 -5.44
C MET C 160 -15.62 1.97 -6.52
N LEU C 161 -16.13 1.59 -7.68
CA LEU C 161 -15.28 1.21 -8.79
C LEU C 161 -15.27 2.30 -9.86
N PHE C 162 -14.08 2.64 -10.35
CA PHE C 162 -13.93 3.67 -11.36
C PHE C 162 -13.19 3.12 -12.58
N ASP C 163 -13.92 2.86 -13.66
CA ASP C 163 -13.30 2.35 -14.87
C ASP C 163 -13.10 3.47 -15.89
N GLU C 164 -11.94 4.12 -15.80
CA GLU C 164 -11.56 5.22 -16.70
C GLU C 164 -12.66 6.28 -16.87
N PRO C 165 -13.06 6.92 -15.77
CA PRO C 165 -14.19 7.86 -15.86
C PRO C 165 -13.86 9.17 -16.57
N THR C 166 -12.58 9.46 -16.78
CA THR C 166 -12.17 10.69 -17.43
C THR C 166 -11.63 10.47 -18.84
N SER C 167 -11.56 9.20 -19.26
CA SER C 167 -10.98 8.85 -20.55
C SER C 167 -11.75 9.42 -21.75
N ALA C 168 -13.07 9.52 -21.62
CA ALA C 168 -13.88 10.07 -22.70
C ALA C 168 -14.26 11.52 -22.43
N LEU C 169 -13.52 12.16 -21.53
CA LEU C 169 -13.76 13.56 -21.22
C LEU C 169 -12.83 14.47 -21.99
N ASP C 170 -13.32 15.65 -22.35
CA ASP C 170 -12.47 16.68 -22.92
C ASP C 170 -11.44 17.06 -21.87
N PRO C 171 -10.21 17.39 -22.31
CA PRO C 171 -9.09 17.69 -21.40
C PRO C 171 -9.44 18.72 -20.33
N GLU C 172 -10.27 19.68 -20.70
CA GLU C 172 -10.61 20.79 -19.81
C GLU C 172 -11.57 20.36 -18.69
N MET C 173 -12.15 19.18 -18.82
CA MET C 173 -13.17 18.72 -17.88
C MET C 173 -12.69 17.55 -17.03
N VAL C 174 -11.45 17.13 -17.26
CA VAL C 174 -10.86 16.01 -16.53
C VAL C 174 -10.62 16.35 -15.07
N GLY C 175 -10.15 17.57 -14.82
CA GLY C 175 -9.76 18.00 -13.49
C GLY C 175 -10.86 17.95 -12.43
N GLU C 176 -12.03 18.49 -12.77
CA GLU C 176 -13.13 18.59 -11.82
C GLU C 176 -13.67 17.22 -11.40
N VAL C 177 -13.43 16.22 -12.23
CA VAL C 177 -13.87 14.85 -11.92
C VAL C 177 -12.80 14.13 -11.10
N LEU C 178 -11.54 14.41 -11.41
CA LEU C 178 -10.43 13.85 -10.63
C LEU C 178 -10.47 14.38 -9.20
N ASP C 179 -10.87 15.64 -9.05
CA ASP C 179 -10.95 16.26 -7.74
C ASP C 179 -12.00 15.60 -6.84
N VAL C 180 -13.11 15.19 -7.43
CA VAL C 180 -14.14 14.48 -6.70
C VAL C 180 -13.60 13.14 -6.21
N MET C 181 -12.89 12.45 -7.10
CA MET C 181 -12.27 11.19 -6.76
C MET C 181 -11.14 11.39 -5.75
N ARG C 182 -10.58 12.59 -5.71
CA ARG C 182 -9.56 12.95 -4.72
C ARG C 182 -10.18 13.13 -3.33
N ASP C 183 -11.28 13.87 -3.30
CA ASP C 183 -12.09 14.09 -2.11
C ASP C 183 -12.46 12.76 -1.47
N LEU C 184 -12.96 11.84 -2.29
CA LEU C 184 -13.41 10.55 -1.82
C LEU C 184 -12.24 9.70 -1.35
N ALA C 185 -11.07 9.91 -1.94
CA ALA C 185 -9.87 9.15 -1.60
C ALA C 185 -9.33 9.55 -0.24
N GLN C 186 -9.81 10.68 0.28
CA GLN C 186 -9.45 11.12 1.62
C GLN C 186 -10.39 10.53 2.65
N GLY C 187 -11.38 9.77 2.17
CA GLY C 187 -12.35 9.14 3.03
C GLY C 187 -12.00 7.70 3.37
N GLY C 188 -13.00 6.94 3.81
CA GLY C 188 -12.79 5.57 4.22
C GLY C 188 -13.29 4.54 3.23
N MET C 189 -13.87 5.02 2.14
CA MET C 189 -14.41 4.15 1.09
C MET C 189 -13.33 3.28 0.47
N THR C 190 -13.66 2.01 0.24
CA THR C 190 -12.79 1.13 -0.53
C THR C 190 -12.91 1.53 -2.00
N MET C 191 -11.80 1.96 -2.58
CA MET C 191 -11.81 2.43 -3.96
C MET C 191 -10.89 1.64 -4.87
N VAL C 192 -11.41 1.27 -6.04
CA VAL C 192 -10.61 0.69 -7.09
C VAL C 192 -10.82 1.51 -8.35
N VAL C 193 -9.75 2.08 -8.88
CA VAL C 193 -9.86 2.92 -10.07
C VAL C 193 -8.87 2.55 -11.17
N VAL C 194 -9.40 2.31 -12.36
CA VAL C 194 -8.60 2.17 -13.56
C VAL C 194 -8.51 3.55 -14.20
N THR C 195 -7.30 4.01 -14.49
CA THR C 195 -7.13 5.35 -15.05
C THR C 195 -5.86 5.50 -15.88
N HIS C 196 -5.87 6.50 -16.75
CA HIS C 196 -4.70 6.87 -17.53
C HIS C 196 -3.97 8.02 -16.85
N GLU C 197 -4.63 8.62 -15.87
CA GLU C 197 -4.07 9.77 -15.15
C GLU C 197 -3.01 9.32 -14.15
N MET C 198 -1.76 9.61 -14.46
CA MET C 198 -0.64 9.13 -13.66
C MET C 198 -0.31 10.03 -12.48
N GLY C 199 -0.54 11.33 -12.65
CA GLY C 199 -0.36 12.27 -11.55
C GLY C 199 -1.34 11.96 -10.44
N PHE C 200 -2.60 11.76 -10.84
CA PHE C 200 -3.66 11.40 -9.92
C PHE C 200 -3.36 10.06 -9.23
N ALA C 201 -3.03 9.06 -10.03
CA ALA C 201 -2.74 7.71 -9.52
C ALA C 201 -1.64 7.71 -8.47
N ARG C 202 -0.51 8.34 -8.80
CA ARG C 202 0.62 8.41 -7.86
C ARG C 202 0.26 9.17 -6.59
N GLU C 203 -0.58 10.19 -6.73
CA GLU C 203 -0.96 11.03 -5.60
C GLU C 203 -1.96 10.36 -4.66
N VAL C 204 -2.85 9.56 -5.25
CA VAL C 204 -4.06 9.11 -4.55
C VAL C 204 -3.98 7.68 -4.01
N ALA C 205 -3.26 6.81 -4.70
CA ALA C 205 -3.26 5.38 -4.38
C ALA C 205 -2.54 5.00 -3.09
N ASP C 206 -3.03 3.92 -2.48
CA ASP C 206 -2.31 3.24 -1.40
C ASP C 206 -1.43 2.20 -2.06
N ARG C 207 -1.85 1.77 -3.24
CA ARG C 207 -1.24 0.64 -3.93
C ARG C 207 -1.52 0.71 -5.42
N VAL C 208 -0.48 0.50 -6.23
CA VAL C 208 -0.62 0.55 -7.67
C VAL C 208 -0.36 -0.81 -8.31
N VAL C 209 -1.28 -1.24 -9.15
CA VAL C 209 -1.14 -2.49 -9.88
C VAL C 209 -0.95 -2.25 -11.37
N PHE C 210 0.19 -2.68 -11.90
CA PHE C 210 0.47 -2.56 -13.32
C PHE C 210 0.13 -3.86 -14.05
N MET C 211 -0.64 -3.73 -15.13
CA MET C 211 -1.05 -4.91 -15.89
C MET C 211 -0.56 -4.88 -17.33
N ASP C 212 -0.38 -6.07 -17.90
CA ASP C 212 0.07 -6.21 -19.28
C ASP C 212 -0.14 -7.65 -19.71
N GLY C 213 -0.84 -7.83 -20.83
CA GLY C 213 -1.06 -9.16 -21.38
C GLY C 213 -1.95 -10.04 -20.52
N GLY C 214 -2.89 -9.42 -19.82
CA GLY C 214 -3.86 -10.15 -19.02
C GLY C 214 -3.35 -10.60 -17.67
N GLN C 215 -2.21 -10.08 -17.26
CA GLN C 215 -1.63 -10.45 -15.97
C GLN C 215 -1.26 -9.22 -15.16
N ILE C 216 -0.89 -9.44 -13.90
CA ILE C 216 -0.34 -8.39 -13.07
C ILE C 216 1.18 -8.51 -13.09
N VAL C 217 1.84 -7.51 -13.67
CA VAL C 217 3.29 -7.55 -13.85
C VAL C 217 4.03 -7.02 -12.63
N GLU C 218 3.53 -5.92 -12.07
CA GLU C 218 4.17 -5.35 -10.89
C GLU C 218 3.17 -4.67 -9.96
N GLU C 219 3.30 -4.94 -8.67
CA GLU C 219 2.55 -4.23 -7.64
C GLU C 219 3.54 -3.46 -6.78
N GLY C 220 3.06 -2.36 -6.19
CA GLY C 220 3.91 -1.57 -5.31
C GLY C 220 3.24 -0.30 -4.86
N ARG C 221 3.86 0.37 -3.90
CA ARG C 221 3.39 1.66 -3.42
C ARG C 221 3.73 2.70 -4.49
N PRO C 222 2.88 3.73 -4.64
CA PRO C 222 3.03 4.69 -5.74
C PRO C 222 4.37 5.42 -5.75
N GLU C 223 4.98 5.59 -4.59
CA GLU C 223 6.28 6.26 -4.51
C GLU C 223 7.42 5.37 -4.99
N GLU C 224 7.20 4.07 -4.96
CA GLU C 224 8.21 3.12 -5.37
C GLU C 224 8.06 2.75 -6.84
N ILE C 225 6.83 2.51 -7.26
CA ILE C 225 6.56 2.03 -8.61
C ILE C 225 6.76 3.11 -9.68
N PHE C 226 6.43 4.36 -9.35
CA PHE C 226 6.56 5.45 -10.29
C PHE C 226 8.00 5.95 -10.42
N THR C 227 8.80 5.77 -9.38
CA THR C 227 10.17 6.27 -9.40
C THR C 227 11.21 5.16 -9.57
N ARG C 228 10.94 3.99 -9.03
CA ARG C 228 11.86 2.87 -9.14
C ARG C 228 11.17 1.56 -9.53
N PRO C 229 10.58 1.50 -10.73
CA PRO C 229 9.90 0.28 -11.16
C PRO C 229 10.89 -0.88 -11.34
N LYS C 230 10.47 -2.09 -10.99
CA LYS C 230 11.35 -3.25 -11.01
C LYS C 230 11.36 -3.95 -12.37
N GLU C 231 10.19 -4.04 -12.99
CA GLU C 231 10.06 -4.75 -14.26
C GLU C 231 10.30 -3.84 -15.45
N GLU C 232 10.75 -4.41 -16.56
CA GLU C 232 11.01 -3.63 -17.76
C GLU C 232 9.70 -3.29 -18.46
N ARG C 233 8.68 -4.12 -18.27
CA ARG C 233 7.35 -3.85 -18.79
C ARG C 233 6.79 -2.58 -18.17
N THR C 234 6.89 -2.48 -16.85
CA THR C 234 6.43 -1.31 -16.12
C THR C 234 7.22 -0.09 -16.51
N ARG C 235 8.54 -0.26 -16.63
CA ARG C 235 9.42 0.84 -16.97
C ARG C 235 9.17 1.35 -18.38
N SER C 236 8.99 0.42 -19.32
CA SER C 236 8.70 0.78 -20.69
C SER C 236 7.41 1.59 -20.77
N PHE C 237 6.36 1.06 -20.16
CA PHE C 237 5.06 1.72 -20.14
C PHE C 237 5.13 3.13 -19.56
N LEU C 238 5.74 3.25 -18.39
CA LEU C 238 5.86 4.56 -17.73
C LEU C 238 6.67 5.54 -18.57
N GLN C 239 7.72 5.04 -19.21
CA GLN C 239 8.54 5.86 -20.09
C GLN C 239 7.72 6.43 -21.25
N ARG C 240 6.87 5.59 -21.84
CA ARG C 240 6.00 6.02 -22.92
C ARG C 240 4.96 7.00 -22.42
N VAL C 241 4.36 6.66 -21.29
CA VAL C 241 3.17 7.33 -20.78
C VAL C 241 3.45 8.66 -20.06
N LEU C 242 4.63 8.79 -19.46
CA LEU C 242 4.95 9.99 -18.70
C LEU C 242 5.45 11.15 -19.56
N HIS C 243 5.64 10.90 -20.85
CA HIS C 243 6.03 11.95 -21.78
C HIS C 243 4.79 12.64 -22.35
N GLU D 2 5.21 37.15 -46.93
CA GLU D 2 3.97 36.94 -47.66
C GLU D 2 3.43 35.52 -47.41
N PRO D 3 2.34 35.41 -46.64
CA PRO D 3 1.87 34.14 -46.08
C PRO D 3 1.50 33.10 -47.12
N ILE D 4 1.92 31.85 -46.87
CA ILE D 4 1.58 30.75 -47.74
C ILE D 4 0.12 30.35 -47.51
N ILE D 5 -0.39 30.70 -46.32
CA ILE D 5 -1.79 30.50 -45.98
C ILE D 5 -2.37 31.82 -45.50
N ARG D 6 -3.43 32.28 -46.16
CA ARG D 6 -4.04 33.56 -45.79
C ARG D 6 -5.55 33.44 -45.66
N ILE D 7 -6.05 33.67 -44.45
CA ILE D 7 -7.47 33.51 -44.15
C ILE D 7 -8.09 34.83 -43.69
N ARG D 8 -9.14 35.27 -44.38
CA ARG D 8 -9.77 36.55 -44.09
C ARG D 8 -11.28 36.42 -43.88
N ASN D 9 -11.78 37.03 -42.81
CA ASN D 9 -13.21 37.05 -42.48
C ASN D 9 -13.91 35.71 -42.64
N LEU D 10 -13.27 34.65 -42.13
CA LEU D 10 -13.77 33.31 -42.33
C LEU D 10 -14.97 32.97 -41.45
N HIS D 11 -16.14 32.88 -42.06
CA HIS D 11 -17.35 32.49 -41.36
C HIS D 11 -17.85 31.13 -41.84
N LYS D 12 -18.35 30.33 -40.92
CA LYS D 12 -18.96 29.05 -41.28
C LYS D 12 -20.12 28.69 -40.35
N TRP D 13 -21.27 28.39 -40.95
CA TRP D 13 -22.43 27.94 -40.20
C TRP D 13 -22.73 26.48 -40.51
N PHE D 14 -22.80 25.66 -39.46
CA PHE D 14 -23.32 24.31 -39.59
C PHE D 14 -24.71 24.29 -38.99
N GLY D 15 -25.69 24.73 -39.78
CA GLY D 15 -27.04 24.91 -39.31
C GLY D 15 -27.20 26.31 -38.72
N PRO D 16 -27.92 26.41 -37.60
CA PRO D 16 -28.01 27.69 -36.87
C PRO D 16 -26.77 27.89 -36.02
N LEU D 17 -25.89 26.88 -35.99
CA LEU D 17 -24.67 26.92 -35.18
C LEU D 17 -23.53 27.66 -35.88
N HIS D 18 -23.27 28.87 -35.42
CA HIS D 18 -22.20 29.72 -35.93
C HIS D 18 -20.84 29.21 -35.48
N VAL D 19 -20.29 28.23 -36.19
CA VAL D 19 -19.08 27.55 -35.75
C VAL D 19 -17.81 28.40 -35.82
N LEU D 20 -17.63 29.11 -36.93
CA LEU D 20 -16.50 30.03 -37.07
C LEU D 20 -17.01 31.44 -37.32
N LYS D 21 -16.53 32.39 -36.51
CA LYS D 21 -17.09 33.74 -36.54
C LYS D 21 -16.10 34.79 -37.06
N GLY D 22 -15.75 34.69 -38.34
CA GLY D 22 -14.90 35.70 -38.96
C GLY D 22 -13.44 35.58 -38.58
N ILE D 23 -12.86 34.41 -38.83
CA ILE D 23 -11.46 34.17 -38.52
C ILE D 23 -10.55 34.92 -39.50
N HIS D 24 -9.57 35.63 -38.96
CA HIS D 24 -8.49 36.16 -39.78
C HIS D 24 -7.16 35.53 -39.33
N LEU D 25 -6.49 34.87 -40.27
CA LEU D 25 -5.27 34.14 -39.96
C LEU D 25 -4.34 34.15 -41.15
N GLU D 26 -3.08 34.49 -40.92
CA GLU D 26 -2.05 34.36 -41.94
C GLU D 26 -0.92 33.49 -41.40
N VAL D 27 -0.55 32.47 -42.16
CA VAL D 27 0.53 31.58 -41.76
C VAL D 27 1.75 31.80 -42.65
N ALA D 28 2.89 32.07 -42.02
CA ALA D 28 4.13 32.30 -42.75
C ALA D 28 4.62 31.00 -43.37
N PRO D 29 5.35 31.10 -44.49
CA PRO D 29 5.95 29.91 -45.10
C PRO D 29 7.00 29.30 -44.19
N GLY D 30 6.87 28.01 -43.89
CA GLY D 30 7.81 27.32 -43.04
C GLY D 30 7.46 27.44 -41.56
N GLU D 31 6.40 28.19 -41.27
CA GLU D 31 6.00 28.40 -39.89
C GLU D 31 5.33 27.16 -39.29
N LYS D 32 5.61 26.91 -38.01
CA LYS D 32 4.96 25.85 -37.27
C LYS D 32 3.90 26.44 -36.36
N LEU D 33 2.67 26.54 -36.87
CA LEU D 33 1.57 27.12 -36.13
C LEU D 33 0.83 26.04 -35.36
N VAL D 34 0.63 26.26 -34.07
CA VAL D 34 -0.11 25.31 -33.25
C VAL D 34 -1.37 25.95 -32.69
N ILE D 35 -2.49 25.25 -32.84
CA ILE D 35 -3.79 25.76 -32.41
C ILE D 35 -4.35 24.94 -31.26
N ILE D 36 -4.73 25.62 -30.19
CA ILE D 36 -5.25 24.97 -28.99
C ILE D 36 -6.57 25.61 -28.55
N GLY D 37 -7.26 24.94 -27.63
CA GLY D 37 -8.50 25.48 -27.10
C GLY D 37 -9.46 24.38 -26.66
N PRO D 38 -10.51 24.76 -25.90
CA PRO D 38 -11.53 23.81 -25.44
C PRO D 38 -12.31 23.24 -26.63
N SER D 39 -13.08 22.18 -26.39
CA SER D 39 -13.88 21.59 -27.46
C SER D 39 -15.01 22.52 -27.87
N GLY D 40 -15.38 22.48 -29.14
CA GLY D 40 -16.43 23.34 -29.65
C GLY D 40 -15.91 24.74 -29.98
N SER D 41 -14.60 24.93 -29.81
CA SER D 41 -13.98 26.23 -30.09
C SER D 41 -13.89 26.45 -31.60
N GLY D 42 -13.83 25.37 -32.35
CA GLY D 42 -13.83 25.44 -33.81
C GLY D 42 -12.46 25.30 -34.43
N LYS D 43 -11.49 24.81 -33.65
CA LYS D 43 -10.13 24.66 -34.13
C LYS D 43 -10.00 23.57 -35.20
N SER D 44 -10.65 22.43 -34.98
CA SER D 44 -10.62 21.34 -35.96
C SER D 44 -11.33 21.74 -37.24
N THR D 45 -12.42 22.49 -37.09
CA THR D 45 -13.18 22.98 -38.23
C THR D 45 -12.36 23.97 -39.04
N LEU D 46 -11.58 24.80 -38.35
CA LEU D 46 -10.77 25.82 -39.00
C LEU D 46 -9.69 25.23 -39.90
N ILE D 47 -8.92 24.28 -39.37
CA ILE D 47 -7.82 23.68 -40.11
C ILE D 47 -8.32 22.91 -41.33
N ARG D 48 -9.58 22.54 -41.33
CA ARG D 48 -10.17 21.78 -42.43
C ARG D 48 -10.66 22.65 -43.59
N THR D 49 -10.82 23.95 -43.35
CA THR D 49 -11.21 24.86 -44.41
C THR D 49 -10.03 25.14 -45.34
N ILE D 50 -8.83 24.86 -44.84
CA ILE D 50 -7.59 25.10 -45.57
C ILE D 50 -7.50 24.25 -46.85
N ASN D 51 -7.97 23.02 -46.78
CA ASN D 51 -8.11 22.19 -47.98
C ASN D 51 -9.58 21.88 -48.25
N ARG D 52 -10.42 22.83 -47.88
CA ARG D 52 -11.87 22.63 -47.69
C ARG D 52 -12.41 21.20 -47.60
N LEU D 53 -11.96 20.48 -46.58
CA LEU D 53 -12.69 19.29 -46.15
C LEU D 53 -13.94 19.82 -45.48
N GLU D 54 -13.84 21.05 -44.97
CA GLU D 54 -14.98 21.84 -44.53
C GLU D 54 -15.12 23.05 -45.44
N ASP D 55 -16.33 23.28 -45.95
CA ASP D 55 -16.57 24.48 -46.74
C ASP D 55 -17.03 25.61 -45.82
N PHE D 56 -17.27 26.77 -46.40
CA PHE D 56 -17.65 27.95 -45.63
C PHE D 56 -18.46 28.93 -46.47
N GLN D 57 -19.32 29.70 -45.81
CA GLN D 57 -20.29 30.54 -46.50
C GLN D 57 -19.75 31.95 -46.71
N GLU D 58 -18.81 32.34 -45.88
CA GLU D 58 -18.23 33.67 -45.97
C GLU D 58 -16.74 33.66 -45.69
N GLY D 59 -16.02 34.54 -46.37
CA GLY D 59 -14.59 34.67 -46.18
C GLY D 59 -13.77 34.12 -47.32
N GLU D 60 -12.46 34.13 -47.15
CA GLU D 60 -11.55 33.74 -48.21
C GLU D 60 -10.36 32.97 -47.62
N VAL D 61 -10.04 31.84 -48.23
CA VAL D 61 -8.84 31.10 -47.86
C VAL D 61 -7.94 30.93 -49.07
N VAL D 62 -6.74 31.48 -48.99
CA VAL D 62 -5.79 31.39 -50.09
C VAL D 62 -4.56 30.60 -49.66
N VAL D 63 -4.29 29.52 -50.38
CA VAL D 63 -3.15 28.66 -50.07
C VAL D 63 -2.13 28.72 -51.20
N ASP D 64 -0.96 29.27 -50.90
CA ASP D 64 0.12 29.42 -51.87
C ASP D 64 -0.37 30.12 -53.14
N GLY D 65 -1.19 31.15 -52.96
CA GLY D 65 -1.68 31.95 -54.06
C GLY D 65 -2.96 31.41 -54.70
N LEU D 66 -3.42 30.26 -54.23
CA LEU D 66 -4.60 29.63 -54.81
C LEU D 66 -5.84 29.74 -53.93
N SER D 67 -6.98 30.04 -54.54
CA SER D 67 -8.23 30.17 -53.81
C SER D 67 -8.88 28.82 -53.57
N VAL D 68 -9.25 28.56 -52.32
CA VAL D 68 -9.82 27.29 -51.91
C VAL D 68 -11.23 27.08 -52.48
N LYS D 69 -11.96 28.17 -52.68
CA LYS D 69 -13.33 28.08 -53.18
C LYS D 69 -13.43 27.92 -54.71
N ASP D 70 -12.28 27.93 -55.38
CA ASP D 70 -12.25 27.61 -56.81
C ASP D 70 -11.88 26.14 -56.97
N ASP D 71 -12.75 25.37 -57.63
CA ASP D 71 -12.58 23.93 -57.72
C ASP D 71 -11.30 23.50 -58.45
N ARG D 72 -10.96 24.19 -59.53
CA ARG D 72 -9.75 23.88 -60.28
C ARG D 72 -8.51 24.13 -59.44
N ALA D 73 -8.49 25.27 -58.74
CA ALA D 73 -7.37 25.64 -57.89
C ALA D 73 -7.26 24.69 -56.70
N LEU D 74 -8.40 24.29 -56.16
CA LEU D 74 -8.45 23.38 -55.02
C LEU D 74 -7.74 22.07 -55.33
N ARG D 75 -7.88 21.60 -56.58
CA ARG D 75 -7.21 20.39 -57.03
C ARG D 75 -5.70 20.47 -56.85
N GLU D 76 -5.14 21.64 -57.16
CA GLU D 76 -3.71 21.86 -57.00
C GLU D 76 -3.34 22.04 -55.53
N ILE D 77 -4.25 22.65 -54.77
CA ILE D 77 -4.05 22.84 -53.34
C ILE D 77 -3.92 21.50 -52.62
N ARG D 78 -4.76 20.55 -53.01
CA ARG D 78 -4.75 19.19 -52.45
C ARG D 78 -3.42 18.49 -52.68
N ARG D 79 -2.64 18.99 -53.64
CA ARG D 79 -1.36 18.40 -53.98
C ARG D 79 -0.21 19.02 -53.18
N GLU D 80 -0.43 20.22 -52.66
CA GLU D 80 0.57 20.90 -51.87
C GLU D 80 0.30 20.75 -50.38
N VAL D 81 -0.89 20.27 -50.05
CA VAL D 81 -1.30 20.18 -48.65
C VAL D 81 -1.61 18.75 -48.24
N GLY D 82 -0.76 18.19 -47.39
CA GLY D 82 -1.01 16.87 -46.82
C GLY D 82 -1.79 17.05 -45.53
N MET D 83 -2.43 15.98 -45.08
CA MET D 83 -3.22 16.06 -43.85
C MET D 83 -3.28 14.74 -43.11
N VAL D 84 -3.32 14.82 -41.78
CA VAL D 84 -3.40 13.64 -40.93
C VAL D 84 -4.42 13.93 -39.81
N PHE D 85 -5.22 12.93 -39.47
CA PHE D 85 -6.34 13.13 -38.55
C PHE D 85 -6.27 12.28 -37.30
N GLN D 86 -7.37 12.27 -36.54
CA GLN D 86 -7.53 11.40 -35.39
C GLN D 86 -7.73 9.93 -35.80
N GLN D 87 -8.41 9.71 -36.92
CA GLN D 87 -8.48 8.36 -37.49
C GLN D 87 -7.42 8.17 -38.57
N PHE D 88 -6.85 6.97 -38.63
CA PHE D 88 -5.83 6.65 -39.62
C PHE D 88 -6.23 5.41 -40.42
N ASN D 89 -6.69 5.64 -41.64
CA ASN D 89 -7.21 4.56 -42.47
C ASN D 89 -6.17 3.96 -43.42
N LEU D 90 -5.86 2.69 -43.19
CA LEU D 90 -4.88 1.98 -44.01
C LEU D 90 -5.56 0.86 -44.78
N PHE D 91 -5.11 0.63 -46.00
CA PHE D 91 -5.61 -0.50 -46.77
C PHE D 91 -5.06 -1.80 -46.20
N PRO D 92 -5.95 -2.66 -45.68
CA PRO D 92 -5.57 -3.87 -44.94
C PRO D 92 -4.87 -4.92 -45.78
N HIS D 93 -5.18 -4.98 -47.08
CA HIS D 93 -4.61 -6.01 -47.93
C HIS D 93 -3.37 -5.53 -48.69
N MET D 94 -2.93 -4.30 -48.38
CA MET D 94 -1.65 -3.80 -48.86
C MET D 94 -0.67 -3.79 -47.70
N THR D 95 0.61 -3.94 -48.02
CA THR D 95 1.64 -3.84 -46.98
C THR D 95 1.85 -2.38 -46.62
N VAL D 96 2.59 -2.14 -45.55
CA VAL D 96 2.92 -0.79 -45.12
C VAL D 96 3.60 -0.01 -46.24
N LEU D 97 4.58 -0.64 -46.88
CA LEU D 97 5.30 -0.04 -47.99
C LEU D 97 4.36 0.34 -49.13
N GLU D 98 3.45 -0.58 -49.47
CA GLU D 98 2.50 -0.38 -50.55
C GLU D 98 1.52 0.75 -50.25
N ASN D 99 1.12 0.89 -48.99
CA ASN D 99 0.25 1.97 -48.57
C ASN D 99 0.89 3.33 -48.79
N VAL D 100 2.21 3.37 -48.68
CA VAL D 100 2.95 4.61 -48.87
C VAL D 100 3.28 4.86 -50.34
N THR D 101 3.60 3.79 -51.06
CA THR D 101 3.98 3.91 -52.47
C THR D 101 2.77 4.06 -53.39
N LEU D 102 1.58 3.80 -52.86
CA LEU D 102 0.36 3.78 -53.66
C LEU D 102 0.14 5.07 -54.45
N ALA D 103 0.02 6.18 -53.74
CA ALA D 103 -0.21 7.48 -54.36
C ALA D 103 0.93 7.98 -55.28
N PRO D 104 2.21 7.83 -54.87
CA PRO D 104 3.28 8.21 -55.79
C PRO D 104 3.22 7.47 -57.13
N MET D 105 2.76 6.23 -57.11
CA MET D 105 2.70 5.43 -58.34
C MET D 105 1.46 5.73 -59.19
N ARG D 106 0.31 5.84 -58.54
CA ARG D 106 -0.95 6.03 -59.26
C ARG D 106 -1.20 7.48 -59.67
N VAL D 107 -0.69 8.42 -58.87
CA VAL D 107 -0.93 9.84 -59.14
C VAL D 107 0.27 10.52 -59.80
N ARG D 108 1.44 10.41 -59.17
CA ARG D 108 2.65 11.02 -59.71
C ARG D 108 3.28 10.17 -60.81
N ARG D 109 2.65 9.03 -61.09
CA ARG D 109 3.08 8.11 -62.14
C ARG D 109 4.53 7.65 -61.95
N TRP D 110 4.97 7.61 -60.69
CA TRP D 110 6.32 7.17 -60.37
C TRP D 110 6.48 5.67 -60.59
N PRO D 111 7.62 5.27 -61.17
CA PRO D 111 7.94 3.84 -61.27
C PRO D 111 8.13 3.24 -59.87
N ARG D 112 7.71 1.99 -59.70
CA ARG D 112 7.70 1.35 -58.38
C ARG D 112 9.04 1.42 -57.65
N GLU D 113 10.11 1.10 -58.36
CA GLU D 113 11.45 1.12 -57.79
C GLU D 113 11.85 2.51 -57.27
N LYS D 114 11.29 3.55 -57.87
CA LYS D 114 11.53 4.91 -57.38
C LYS D 114 10.70 5.19 -56.14
N ALA D 115 9.39 4.99 -56.24
CA ALA D 115 8.47 5.25 -55.13
C ALA D 115 8.82 4.45 -53.88
N GLU D 116 9.26 3.22 -54.08
CA GLU D 116 9.63 2.34 -52.97
C GLU D 116 10.86 2.84 -52.23
N LYS D 117 11.88 3.25 -52.99
CA LYS D 117 13.08 3.84 -52.40
C LYS D 117 12.71 5.05 -51.57
N LYS D 118 11.86 5.91 -52.14
CA LYS D 118 11.40 7.11 -51.45
C LYS D 118 10.54 6.78 -50.24
N ALA D 119 9.79 5.68 -50.32
CA ALA D 119 8.93 5.26 -49.24
C ALA D 119 9.71 4.67 -48.06
N LEU D 120 10.67 3.80 -48.37
CA LEU D 120 11.50 3.18 -47.35
C LEU D 120 12.28 4.21 -46.55
N GLU D 121 12.69 5.28 -47.22
CA GLU D 121 13.42 6.36 -46.57
C GLU D 121 12.54 7.10 -45.58
N LEU D 122 11.28 7.33 -45.96
CA LEU D 122 10.32 8.00 -45.09
C LEU D 122 9.91 7.11 -43.93
N LEU D 123 9.78 5.81 -44.19
CA LEU D 123 9.42 4.85 -43.16
C LEU D 123 10.52 4.74 -42.11
N GLU D 124 11.78 4.87 -42.55
CA GLU D 124 12.90 4.89 -41.62
C GLU D 124 12.88 6.18 -40.81
N ARG D 125 12.49 7.27 -41.46
CA ARG D 125 12.44 8.57 -40.81
C ARG D 125 11.41 8.60 -39.68
N VAL D 126 10.23 8.05 -39.94
CA VAL D 126 9.18 8.03 -38.93
C VAL D 126 9.35 6.85 -37.98
N GLY D 127 10.43 6.09 -38.16
CA GLY D 127 10.84 5.09 -37.19
C GLY D 127 10.22 3.72 -37.30
N ILE D 128 9.70 3.37 -38.47
CA ILE D 128 9.08 2.06 -38.66
C ILE D 128 9.51 1.39 -39.97
N LEU D 129 10.81 1.46 -40.26
CA LEU D 129 11.37 0.82 -41.45
C LEU D 129 11.21 -0.69 -41.35
N ASP D 130 11.31 -1.22 -40.14
CA ASP D 130 11.21 -2.66 -39.91
C ASP D 130 9.75 -3.16 -39.96
N GLN D 131 8.84 -2.27 -40.34
CA GLN D 131 7.43 -2.64 -40.45
C GLN D 131 6.97 -2.59 -41.90
N ALA D 132 7.90 -2.27 -42.79
CA ALA D 132 7.60 -2.04 -44.20
C ALA D 132 6.90 -3.21 -44.89
N ARG D 133 7.32 -4.43 -44.58
CA ARG D 133 6.81 -5.61 -45.26
C ARG D 133 5.63 -6.25 -44.52
N LYS D 134 5.15 -5.59 -43.47
CA LYS D 134 4.01 -6.09 -42.71
C LYS D 134 2.70 -5.49 -43.19
N TYR D 135 1.59 -6.06 -42.72
CA TYR D 135 0.26 -5.56 -43.05
C TYR D 135 -0.30 -4.78 -41.86
N PRO D 136 -1.21 -3.81 -42.12
CA PRO D 136 -1.72 -2.89 -41.10
C PRO D 136 -2.26 -3.56 -39.84
N ALA D 137 -2.88 -4.72 -39.97
CA ALA D 137 -3.49 -5.40 -38.82
C ALA D 137 -2.46 -5.92 -37.82
N GLN D 138 -1.18 -5.82 -38.19
CA GLN D 138 -0.10 -6.27 -37.33
C GLN D 138 0.55 -5.09 -36.61
N LEU D 139 0.04 -3.89 -36.86
CA LEU D 139 0.62 -2.69 -36.26
C LEU D 139 -0.26 -2.14 -35.16
N SER D 140 0.36 -1.42 -34.23
CA SER D 140 -0.38 -0.69 -33.21
C SER D 140 -0.88 0.62 -33.81
N GLY D 141 -1.69 1.35 -33.06
CA GLY D 141 -2.16 2.64 -33.52
C GLY D 141 -1.02 3.61 -33.70
N GLY D 142 0.01 3.47 -32.86
CA GLY D 142 1.18 4.31 -32.92
C GLY D 142 1.97 4.11 -34.20
N GLN D 143 2.02 2.87 -34.67
CA GLN D 143 2.72 2.55 -35.91
C GLN D 143 1.87 2.90 -37.12
N GLN D 144 0.59 2.60 -37.05
CA GLN D 144 -0.33 2.88 -38.16
C GLN D 144 -0.45 4.36 -38.48
N GLN D 145 -0.53 5.19 -37.44
CA GLN D 145 -0.63 6.63 -37.64
C GLN D 145 0.65 7.18 -38.26
N ARG D 146 1.79 6.61 -37.87
CA ARG D 146 3.06 7.00 -38.44
C ARG D 146 3.19 6.53 -39.89
N VAL D 147 2.50 5.45 -40.21
CA VAL D 147 2.40 5.00 -41.60
C VAL D 147 1.63 6.06 -42.40
N ALA D 148 0.58 6.59 -41.78
CA ALA D 148 -0.24 7.61 -42.42
C ALA D 148 0.52 8.91 -42.62
N ILE D 149 1.43 9.22 -41.69
CA ILE D 149 2.23 10.44 -41.80
C ILE D 149 3.25 10.31 -42.94
N ALA D 150 3.86 9.13 -43.03
CA ALA D 150 4.80 8.84 -44.10
C ALA D 150 4.10 8.86 -45.46
N ARG D 151 2.88 8.34 -45.48
CA ARG D 151 2.07 8.32 -46.70
C ARG D 151 1.79 9.75 -47.18
N ALA D 152 1.47 10.62 -46.25
CA ALA D 152 1.22 12.02 -46.56
C ALA D 152 2.48 12.71 -47.08
N LEU D 153 3.61 12.39 -46.46
CA LEU D 153 4.89 12.98 -46.83
C LEU D 153 5.38 12.46 -48.18
N ALA D 154 4.92 11.28 -48.56
CA ALA D 154 5.34 10.66 -49.82
C ALA D 154 4.95 11.48 -51.04
N MET D 155 3.98 12.37 -50.88
CA MET D 155 3.52 13.23 -51.95
C MET D 155 4.33 14.53 -51.98
N GLU D 156 5.21 14.68 -50.99
CA GLU D 156 6.06 15.85 -50.84
C GLU D 156 5.28 17.16 -50.86
N PRO D 157 4.43 17.39 -49.85
CA PRO D 157 3.64 18.62 -49.84
C PRO D 157 4.42 19.79 -49.24
N LYS D 158 3.94 21.01 -49.47
CA LYS D 158 4.55 22.18 -48.86
C LYS D 158 4.00 22.39 -47.46
N ILE D 159 2.73 22.04 -47.29
CA ILE D 159 2.03 22.28 -46.04
C ILE D 159 1.49 20.99 -45.46
N MET D 160 1.79 20.73 -44.19
CA MET D 160 1.26 19.56 -43.50
C MET D 160 0.27 19.98 -42.43
N LEU D 161 -0.95 19.44 -42.52
CA LEU D 161 -1.97 19.71 -41.53
C LEU D 161 -2.12 18.52 -40.59
N PHE D 162 -2.14 18.80 -39.29
CA PHE D 162 -2.27 17.75 -38.28
C PHE D 162 -3.48 18.05 -37.39
N ASP D 163 -4.58 17.33 -37.60
CA ASP D 163 -5.79 17.57 -36.81
C ASP D 163 -5.97 16.52 -35.72
N GLU D 164 -5.49 16.84 -34.52
CA GLU D 164 -5.54 15.96 -33.36
C GLU D 164 -5.11 14.51 -33.66
N PRO D 165 -3.90 14.33 -34.22
CA PRO D 165 -3.51 12.98 -34.67
C PRO D 165 -3.23 12.00 -33.54
N THR D 166 -3.19 12.47 -32.30
CA THR D 166 -2.91 11.59 -31.16
C THR D 166 -4.11 11.44 -30.23
N SER D 167 -5.17 12.18 -30.51
CA SER D 167 -6.36 12.20 -29.65
C SER D 167 -7.06 10.84 -29.54
N ALA D 168 -6.96 10.03 -30.60
CA ALA D 168 -7.61 8.72 -30.60
C ALA D 168 -6.62 7.60 -30.29
N LEU D 169 -5.43 7.98 -29.85
CA LEU D 169 -4.39 7.00 -29.54
C LEU D 169 -4.40 6.62 -28.06
N ASP D 170 -3.94 5.41 -27.77
CA ASP D 170 -3.69 5.01 -26.39
C ASP D 170 -2.49 5.79 -25.90
N PRO D 171 -2.48 6.15 -24.61
CA PRO D 171 -1.42 6.97 -24.01
C PRO D 171 -0.01 6.45 -24.30
N GLU D 172 0.13 5.13 -24.40
CA GLU D 172 1.44 4.53 -24.68
C GLU D 172 1.91 4.84 -26.09
N MET D 173 0.97 5.24 -26.95
CA MET D 173 1.25 5.42 -28.37
C MET D 173 1.32 6.89 -28.77
N VAL D 174 1.01 7.78 -27.83
CA VAL D 174 1.01 9.21 -28.09
C VAL D 174 2.42 9.74 -28.37
N GLY D 175 3.36 9.38 -27.50
CA GLY D 175 4.72 9.88 -27.58
C GLY D 175 5.43 9.68 -28.91
N GLU D 176 5.32 8.48 -29.47
CA GLU D 176 6.04 8.15 -30.71
C GLU D 176 5.53 8.92 -31.92
N VAL D 177 4.28 9.37 -31.86
CA VAL D 177 3.70 10.16 -32.95
C VAL D 177 4.06 11.63 -32.80
N LEU D 178 4.08 12.11 -31.56
CA LEU D 178 4.51 13.48 -31.26
C LEU D 178 5.95 13.67 -31.72
N ASP D 179 6.77 12.63 -31.53
CA ASP D 179 8.17 12.68 -31.89
C ASP D 179 8.40 12.91 -33.39
N VAL D 180 7.61 12.24 -34.22
CA VAL D 180 7.69 12.44 -35.66
C VAL D 180 7.35 13.89 -35.99
N MET D 181 6.32 14.42 -35.33
CA MET D 181 5.92 15.81 -35.50
C MET D 181 7.02 16.78 -35.06
N ARG D 182 7.69 16.43 -33.96
CA ARG D 182 8.81 17.23 -33.46
C ARG D 182 9.91 17.32 -34.51
N ASP D 183 10.25 16.17 -35.08
CA ASP D 183 11.27 16.09 -36.12
C ASP D 183 10.91 16.93 -37.34
N LEU D 184 9.66 16.83 -37.76
CA LEU D 184 9.18 17.60 -38.92
C LEU D 184 9.25 19.08 -38.65
N ALA D 185 9.03 19.46 -37.39
CA ALA D 185 8.98 20.85 -36.98
C ALA D 185 10.37 21.46 -36.96
N GLN D 186 11.40 20.63 -37.09
CA GLN D 186 12.76 21.10 -37.15
C GLN D 186 13.10 21.49 -38.58
N GLY D 187 12.31 20.97 -39.52
CA GLY D 187 12.51 21.24 -40.93
C GLY D 187 11.89 22.54 -41.39
N GLY D 188 11.84 22.73 -42.71
CA GLY D 188 11.37 23.98 -43.28
C GLY D 188 9.95 23.94 -43.82
N MET D 189 9.23 22.86 -43.55
CA MET D 189 7.86 22.71 -44.02
C MET D 189 6.88 23.52 -43.18
N THR D 190 5.88 24.10 -43.82
CA THR D 190 4.79 24.77 -43.11
C THR D 190 3.92 23.74 -42.43
N MET D 191 3.75 23.87 -41.12
CA MET D 191 2.93 22.95 -40.36
C MET D 191 1.84 23.67 -39.58
N VAL D 192 0.63 23.12 -39.63
CA VAL D 192 -0.45 23.57 -38.78
C VAL D 192 -0.97 22.38 -37.99
N VAL D 193 -0.89 22.45 -36.67
CA VAL D 193 -1.34 21.33 -35.84
C VAL D 193 -2.34 21.74 -34.76
N VAL D 194 -3.46 21.05 -34.75
CA VAL D 194 -4.46 21.18 -33.69
C VAL D 194 -4.21 20.05 -32.70
N THR D 195 -4.00 20.39 -31.44
CA THR D 195 -3.62 19.36 -30.46
C THR D 195 -4.07 19.65 -29.03
N HIS D 196 -4.17 18.60 -28.24
CA HIS D 196 -4.44 18.71 -26.82
C HIS D 196 -3.13 18.68 -26.05
N GLU D 197 -2.07 18.25 -26.72
CA GLU D 197 -0.75 18.11 -26.10
C GLU D 197 -0.06 19.46 -25.92
N MET D 198 0.04 19.90 -24.67
CA MET D 198 0.54 21.24 -24.36
C MET D 198 2.06 21.31 -24.27
N GLY D 199 2.69 20.23 -23.83
CA GLY D 199 4.14 20.19 -23.74
C GLY D 199 4.75 20.24 -25.13
N PHE D 200 4.22 19.40 -26.02
CA PHE D 200 4.63 19.39 -27.42
C PHE D 200 4.39 20.74 -28.08
N ALA D 201 3.23 21.33 -27.79
CA ALA D 201 2.84 22.60 -28.40
C ALA D 201 3.79 23.73 -28.01
N ARG D 202 4.10 23.83 -26.73
CA ARG D 202 4.99 24.88 -26.23
C ARG D 202 6.41 24.73 -26.76
N GLU D 203 6.87 23.50 -26.90
CA GLU D 203 8.25 23.23 -27.28
C GLU D 203 8.48 23.34 -28.78
N VAL D 204 7.41 23.25 -29.55
CA VAL D 204 7.50 23.06 -31.00
C VAL D 204 7.01 24.28 -31.80
N ALA D 205 5.95 24.91 -31.31
CA ALA D 205 5.32 26.02 -32.02
C ALA D 205 6.25 27.21 -32.24
N ASP D 206 6.16 27.80 -33.42
CA ASP D 206 6.72 29.12 -33.65
C ASP D 206 5.71 30.11 -33.09
N ARG D 207 4.46 29.68 -33.06
CA ARG D 207 3.33 30.53 -32.69
C ARG D 207 2.15 29.69 -32.24
N VAL D 208 1.51 30.10 -31.14
CA VAL D 208 0.37 29.37 -30.60
C VAL D 208 -0.91 30.20 -30.74
N VAL D 209 -1.97 29.56 -31.25
CA VAL D 209 -3.26 30.22 -31.36
C VAL D 209 -4.27 29.61 -30.40
N PHE D 210 -4.83 30.43 -29.53
CA PHE D 210 -5.88 29.97 -28.62
C PHE D 210 -7.26 30.35 -29.14
N MET D 211 -8.14 29.36 -29.25
CA MET D 211 -9.49 29.59 -29.77
C MET D 211 -10.57 29.24 -28.75
N ASP D 212 -11.68 29.96 -28.85
CA ASP D 212 -12.83 29.73 -27.98
C ASP D 212 -14.07 30.40 -28.57
N GLY D 213 -15.17 29.66 -28.62
CA GLY D 213 -16.43 30.19 -29.09
C GLY D 213 -16.41 30.62 -30.55
N GLY D 214 -15.64 29.91 -31.37
CA GLY D 214 -15.62 30.16 -32.79
C GLY D 214 -14.75 31.32 -33.23
N GLN D 215 -13.99 31.89 -32.30
CA GLN D 215 -13.10 33.00 -32.62
C GLN D 215 -11.68 32.72 -32.14
N ILE D 216 -10.75 33.54 -32.61
CA ILE D 216 -9.39 33.52 -32.08
C ILE D 216 -9.34 34.52 -30.92
N VAL D 217 -9.02 34.02 -29.73
CA VAL D 217 -9.03 34.83 -28.53
C VAL D 217 -7.65 35.39 -28.19
N GLU D 218 -6.64 34.54 -28.30
CA GLU D 218 -5.27 34.99 -28.04
C GLU D 218 -4.25 34.22 -28.87
N GLU D 219 -3.22 34.92 -29.32
CA GLU D 219 -2.09 34.29 -29.98
C GLU D 219 -0.79 34.90 -29.48
N GLY D 220 0.29 34.12 -29.54
CA GLY D 220 1.58 34.60 -29.07
C GLY D 220 2.64 33.51 -29.15
N ARG D 221 3.85 33.85 -28.74
CA ARG D 221 4.94 32.88 -28.71
C ARG D 221 4.70 31.88 -27.59
N PRO D 222 5.12 30.62 -27.80
CA PRO D 222 4.86 29.54 -26.83
C PRO D 222 5.47 29.80 -25.44
N GLU D 223 6.63 30.44 -25.39
CA GLU D 223 7.26 30.77 -24.11
C GLU D 223 6.62 32.00 -23.49
N GLU D 224 5.57 32.50 -24.13
CA GLU D 224 4.86 33.68 -23.64
C GLU D 224 3.42 33.34 -23.32
N ILE D 225 2.76 32.64 -24.24
CA ILE D 225 1.36 32.26 -24.10
C ILE D 225 1.11 31.31 -22.93
N PHE D 226 2.09 30.44 -22.65
CA PHE D 226 1.93 29.42 -21.61
C PHE D 226 2.33 29.88 -20.22
N THR D 227 3.20 30.88 -20.14
CA THR D 227 3.68 31.36 -18.85
C THR D 227 2.96 32.62 -18.41
N ARG D 228 2.67 33.50 -19.35
CA ARG D 228 1.97 34.75 -19.04
C ARG D 228 0.82 35.01 -20.01
N PRO D 229 -0.23 34.19 -19.96
CA PRO D 229 -1.41 34.44 -20.81
C PRO D 229 -2.09 35.76 -20.43
N LYS D 230 -2.52 36.51 -21.44
CA LYS D 230 -3.06 37.84 -21.21
C LYS D 230 -4.58 37.86 -21.17
N GLU D 231 -5.21 36.96 -21.92
CA GLU D 231 -6.66 36.86 -21.95
C GLU D 231 -7.19 35.96 -20.84
N GLU D 232 -8.38 36.29 -20.34
CA GLU D 232 -8.96 35.57 -19.21
C GLU D 232 -9.29 34.11 -19.52
N ARG D 233 -9.91 33.89 -20.67
CA ARG D 233 -10.29 32.55 -21.11
C ARG D 233 -9.08 31.67 -21.39
N THR D 234 -8.00 32.30 -21.84
CA THR D 234 -6.75 31.58 -22.09
C THR D 234 -6.21 31.10 -20.76
N ARG D 235 -6.28 31.99 -19.76
CA ARG D 235 -5.82 31.70 -18.42
C ARG D 235 -6.70 30.61 -17.79
N SER D 236 -8.00 30.69 -18.04
CA SER D 236 -8.96 29.74 -17.49
C SER D 236 -8.79 28.36 -18.13
N PHE D 237 -8.55 28.35 -19.43
CA PHE D 237 -8.39 27.10 -20.18
C PHE D 237 -7.10 26.36 -19.78
N LEU D 238 -6.01 27.11 -19.65
CA LEU D 238 -4.72 26.52 -19.31
C LEU D 238 -4.68 25.99 -17.88
N GLN D 239 -5.28 26.73 -16.95
CA GLN D 239 -5.34 26.29 -15.56
C GLN D 239 -6.06 24.94 -15.46
N ARG D 240 -7.13 24.78 -16.23
CA ARG D 240 -7.88 23.54 -16.23
C ARG D 240 -7.14 22.42 -16.95
N VAL D 241 -6.35 22.80 -17.97
CA VAL D 241 -5.69 21.81 -18.82
C VAL D 241 -4.31 21.38 -18.31
N LEU D 242 -3.54 22.34 -17.80
CA LEU D 242 -2.18 22.05 -17.34
C LEU D 242 -2.17 21.41 -15.95
N HIS D 243 -3.30 21.46 -15.27
CA HIS D 243 -3.41 20.91 -13.92
C HIS D 243 -4.26 19.64 -13.90
S SO4 E . 2.95 -0.94 33.52
O1 SO4 E . 3.39 -2.28 33.20
O2 SO4 E . 2.09 -1.20 34.66
O3 SO4 E . 4.07 -0.07 33.90
O4 SO4 E . 2.19 -0.34 32.42
S SO4 F . 18.76 -17.79 20.05
O1 SO4 F . 18.74 -17.84 21.48
O2 SO4 F . 17.91 -18.84 19.47
O3 SO4 F . 20.12 -17.89 19.53
O4 SO4 F . 18.21 -16.48 19.80
S SO4 G . -7.85 -2.49 -20.96
O1 SO4 G . -8.36 -3.83 -20.93
O2 SO4 G . -8.72 -1.83 -20.02
O3 SO4 G . -6.45 -2.43 -20.51
O4 SO4 G . -7.96 -1.90 -22.30
S SO4 H . -12.98 21.54 -31.83
O1 SO4 H . -14.12 21.01 -31.14
O2 SO4 H . -12.48 22.49 -30.87
O3 SO4 H . -11.98 20.50 -32.11
O4 SO4 H . -13.38 22.21 -33.08
#